data_7QBI
#
_entry.id   7QBI
#
_cell.length_a   1.00
_cell.length_b   1.00
_cell.length_c   1.00
_cell.angle_alpha   90.00
_cell.angle_beta   90.00
_cell.angle_gamma   90.00
#
_symmetry.space_group_name_H-M   'P 1'
#
loop_
_entity.id
_entity.type
_entity.pdbx_description
1 polymer 'Pheromone alpha factor receptor'
2 polymer 'Alpha factor pheromone'
3 non-polymer 2-acetamido-2-deoxy-beta-D-glucopyranose
4 non-polymer 'CHOLESTEROL HEMISUCCINATE'
#
loop_
_entity_poly.entity_id
_entity_poly.type
_entity_poly.pdbx_seq_one_letter_code
_entity_poly.pdbx_strand_id
1 'polypeptide(L)'
;MSDAAPSLSNLFYDPTYNPGQSTINYTSIYGNGSTITFDELQGLVNSTVTQAIMFGVRCGAAALTLIVMWMTSRSRKTPI
FIINQVSLFLIILHSALYFKYLLSNYSSVTYALTGFPQFISRGDVHVYGATNIIQVLLVASIETSLVFQIKVIFTGDNFK
RIGLMLTSISFTLGIATVTMYFVSAVKGMIVTYNDVSATQDKYFNASTILLASSINFMSFVLVVKLILAIRSRRFLGLKQ
FDSFHILLIMSCQSLLVPSIIFILAYSLKPNQGTDVLTTVATLLAVLSLPLSSMWATAANNASKTNTITSDFTTSTDRFY
PGTLSSFQTDSINNDAKSSLRSRLYDLYPRRKETTSDKHSERTFVSETADDIEKNQFYQLPTPTSSKNTRIGPFADASYK
EGEVEPVDMYTPDTAADEEARKFWTEDNNNL
;
A,B
2 'polypeptide(L)' WHWLQLKPGQPMY I,K
#
loop_
_chem_comp.id
_chem_comp.type
_chem_comp.name
_chem_comp.formula
NAG D-saccharide, beta linking 2-acetamido-2-deoxy-beta-D-glucopyranose 'C8 H15 N O6'
Y01 non-polymer 'CHOLESTEROL HEMISUCCINATE' 'C31 H50 O4'
#
# COMPACT_ATOMS: atom_id res chain seq x y z
N ALA A 5 27.11 -12.60 -24.98
CA ALA A 5 28.32 -12.37 -24.14
C ALA A 5 29.60 -12.49 -24.99
N PRO A 6 29.85 -11.48 -25.84
CA PRO A 6 31.08 -11.51 -26.65
C PRO A 6 32.34 -11.55 -25.80
N SER A 7 32.49 -10.55 -24.93
CA SER A 7 33.67 -10.48 -24.05
C SER A 7 33.47 -9.45 -22.96
N LEU A 8 33.71 -9.84 -21.71
CA LEU A 8 33.57 -8.90 -20.60
C LEU A 8 34.64 -7.83 -20.69
N SER A 9 34.23 -6.57 -20.59
CA SER A 9 35.14 -5.45 -20.67
C SER A 9 36.08 -5.44 -19.46
N ASN A 10 37.14 -4.63 -19.56
CA ASN A 10 38.11 -4.54 -18.48
C ASN A 10 37.46 -4.02 -17.20
N LEU A 11 36.47 -3.14 -17.33
CA LEU A 11 35.89 -2.50 -16.15
C LEU A 11 35.06 -3.45 -15.31
N PHE A 12 34.82 -4.68 -15.78
CA PHE A 12 34.20 -5.69 -14.93
C PHE A 12 35.15 -6.13 -13.83
N TYR A 13 36.46 -6.08 -14.08
CA TYR A 13 37.46 -6.53 -13.12
C TYR A 13 37.99 -5.42 -12.23
N ASP A 14 37.74 -4.16 -12.57
CA ASP A 14 38.23 -3.05 -11.76
C ASP A 14 37.33 -2.88 -10.54
N PRO A 15 37.86 -2.91 -9.31
CA PRO A 15 37.00 -2.75 -8.14
C PRO A 15 36.72 -1.31 -7.71
N THR A 16 37.22 -0.33 -8.46
CA THR A 16 37.05 1.08 -8.11
C THR A 16 35.99 1.78 -8.95
N TYR A 17 35.76 1.33 -10.18
CA TYR A 17 34.76 1.94 -11.04
C TYR A 17 33.38 1.84 -10.42
N ASN A 18 32.64 2.96 -10.46
CA ASN A 18 31.27 3.03 -9.97
C ASN A 18 30.35 3.35 -11.14
N PRO A 19 29.23 2.62 -11.33
CA PRO A 19 28.31 2.98 -12.42
C PRO A 19 27.64 4.34 -12.27
N GLY A 20 27.74 4.99 -11.11
CA GLY A 20 26.89 6.13 -10.84
C GLY A 20 27.34 7.40 -11.53
N GLN A 21 28.64 7.50 -11.82
CA GLN A 21 29.16 8.62 -12.59
C GLN A 21 29.17 8.36 -14.10
N SER A 22 28.79 7.16 -14.54
CA SER A 22 28.74 6.89 -15.98
C SER A 22 27.55 7.60 -16.61
N THR A 23 27.67 7.89 -17.90
CA THR A 23 26.75 8.75 -18.61
C THR A 23 25.89 7.95 -19.58
N ILE A 24 24.60 8.27 -19.60
CA ILE A 24 23.66 7.74 -20.57
C ILE A 24 23.59 8.74 -21.73
N ASN A 25 23.63 8.22 -22.95
CA ASN A 25 23.40 9.02 -24.15
C ASN A 25 22.03 8.67 -24.73
N TYR A 26 21.24 9.71 -25.00
CA TYR A 26 19.90 9.52 -25.55
C TYR A 26 19.49 10.79 -26.27
N THR A 27 18.45 10.67 -27.09
CA THR A 27 17.93 11.77 -27.88
C THR A 27 16.82 12.48 -27.11
N SER A 28 16.80 13.81 -27.22
CA SER A 28 15.79 14.63 -26.58
C SER A 28 15.48 15.81 -27.47
N ILE A 29 14.37 16.48 -27.15
CA ILE A 29 13.92 17.60 -27.97
C ILE A 29 14.92 18.76 -27.92
N TYR A 30 15.57 18.99 -26.78
CA TYR A 30 16.45 20.14 -26.66
C TYR A 30 17.72 19.98 -27.50
N GLY A 31 18.32 18.80 -27.49
CA GLY A 31 19.57 18.58 -28.19
C GLY A 31 19.70 17.19 -28.80
N ASN A 32 20.94 16.71 -28.91
CA ASN A 32 21.26 15.42 -29.53
C ASN A 32 21.98 14.48 -28.58
N GLY A 33 22.94 14.96 -27.80
CA GLY A 33 23.60 14.14 -26.80
C GLY A 33 22.80 14.05 -25.52
N SER A 34 22.60 15.19 -24.87
CA SER A 34 21.83 15.32 -23.63
C SER A 34 22.22 14.26 -22.60
N THR A 35 23.49 14.32 -22.18
CA THR A 35 24.01 13.30 -21.28
C THR A 35 23.35 13.39 -19.91
N ILE A 36 23.06 12.23 -19.33
CA ILE A 36 22.53 12.11 -17.97
C ILE A 36 23.17 10.89 -17.32
N THR A 37 23.35 10.98 -16.01
CA THR A 37 23.94 9.90 -15.24
C THR A 37 22.89 8.93 -14.73
N PHE A 38 23.33 7.71 -14.41
CA PHE A 38 22.43 6.72 -13.83
C PHE A 38 21.89 7.13 -12.47
N ASP A 39 22.49 8.11 -11.79
CA ASP A 39 22.00 8.44 -10.45
C ASP A 39 20.88 9.47 -10.47
N GLU A 40 20.86 10.36 -11.46
CA GLU A 40 19.65 11.15 -11.67
C GLU A 40 18.49 10.27 -12.10
N LEU A 41 18.78 9.29 -12.97
CA LEU A 41 17.75 8.36 -13.42
C LEU A 41 17.22 7.52 -12.27
N GLN A 42 18.12 7.04 -11.40
CA GLN A 42 17.66 6.26 -10.26
C GLN A 42 16.97 7.13 -9.23
N GLY A 43 17.31 8.43 -9.16
CA GLY A 43 16.51 9.33 -8.35
C GLY A 43 15.09 9.46 -8.87
N LEU A 44 14.94 9.59 -10.19
CA LEU A 44 13.60 9.65 -10.78
C LEU A 44 12.81 8.39 -10.48
N VAL A 45 13.42 7.23 -10.72
CA VAL A 45 12.71 5.96 -10.51
C VAL A 45 12.42 5.76 -9.04
N ASN A 46 13.32 6.18 -8.15
CA ASN A 46 13.07 6.03 -6.72
C ASN A 46 11.96 6.95 -6.26
N SER A 47 11.86 8.15 -6.83
CA SER A 47 10.73 9.02 -6.50
C SER A 47 9.42 8.40 -6.95
N THR A 48 9.41 7.82 -8.15
CA THR A 48 8.18 7.18 -8.64
C THR A 48 7.81 5.99 -7.76
N VAL A 49 8.81 5.22 -7.35
CA VAL A 49 8.54 4.05 -6.52
C VAL A 49 8.08 4.46 -5.12
N THR A 50 8.61 5.56 -4.61
CA THR A 50 8.21 6.05 -3.29
C THR A 50 6.77 6.55 -3.31
N GLN A 51 6.40 7.29 -4.37
CA GLN A 51 5.00 7.68 -4.53
C GLN A 51 4.10 6.46 -4.63
N ALA A 52 4.54 5.44 -5.38
CA ALA A 52 3.74 4.22 -5.50
C ALA A 52 3.59 3.52 -4.15
N ILE A 53 4.65 3.54 -3.35
CA ILE A 53 4.59 2.88 -2.04
C ILE A 53 3.57 3.57 -1.15
N MET A 54 3.64 4.91 -1.06
CA MET A 54 2.68 5.57 -0.18
C MET A 54 1.26 5.45 -0.69
N PHE A 55 1.07 5.43 -2.01
CA PHE A 55 -0.30 5.32 -2.51
C PHE A 55 -0.83 3.89 -2.38
N GLY A 56 0.06 2.90 -2.42
CA GLY A 56 -0.34 1.54 -2.08
C GLY A 56 -0.76 1.42 -0.63
N VAL A 57 -0.01 2.07 0.27
CA VAL A 57 -0.40 2.08 1.67
C VAL A 57 -1.76 2.73 1.84
N ARG A 58 -1.99 3.85 1.15
CA ARG A 58 -3.29 4.51 1.21
C ARG A 58 -4.39 3.59 0.73
N CYS A 59 -4.18 2.94 -0.41
CA CYS A 59 -5.25 2.12 -0.99
C CYS A 59 -5.57 0.93 -0.11
N GLY A 60 -4.55 0.26 0.42
CA GLY A 60 -4.82 -0.90 1.26
C GLY A 60 -5.45 -0.53 2.59
N ALA A 61 -4.93 0.53 3.24
CA ALA A 61 -5.49 0.96 4.51
C ALA A 61 -6.93 1.43 4.34
N ALA A 62 -7.21 2.23 3.31
CA ALA A 62 -8.56 2.72 3.12
C ALA A 62 -9.53 1.61 2.76
N ALA A 63 -9.09 0.65 1.92
CA ALA A 63 -9.98 -0.42 1.55
C ALA A 63 -10.31 -1.31 2.74
N LEU A 64 -9.30 -1.65 3.54
CA LEU A 64 -9.57 -2.53 4.67
C LEU A 64 -10.31 -1.80 5.78
N THR A 65 -10.11 -0.49 5.93
CA THR A 65 -10.89 0.27 6.89
C THR A 65 -12.35 0.35 6.44
N LEU A 66 -12.59 0.50 5.15
CA LEU A 66 -13.96 0.50 4.64
C LEU A 66 -14.64 -0.83 4.90
N ILE A 67 -13.90 -1.91 4.66
CA ILE A 67 -14.47 -3.25 4.84
C ILE A 67 -14.78 -3.48 6.32
N VAL A 68 -13.83 -3.15 7.20
CA VAL A 68 -14.03 -3.38 8.63
C VAL A 68 -15.15 -2.50 9.14
N MET A 69 -15.25 -1.27 8.65
CA MET A 69 -16.24 -0.30 9.18
C MET A 69 -17.64 -0.79 8.84
N TRP A 70 -17.83 -1.55 7.78
CA TRP A 70 -19.16 -2.13 7.45
C TRP A 70 -19.39 -3.25 8.44
N MET A 71 -18.50 -4.24 8.47
CA MET A 71 -18.62 -5.44 9.32
C MET A 71 -19.03 -5.10 10.73
N THR A 72 -18.60 -3.96 11.27
CA THR A 72 -18.80 -3.69 12.69
C THR A 72 -19.65 -2.47 13.01
N SER A 73 -19.79 -1.51 12.12
CA SER A 73 -20.57 -0.32 12.44
C SER A 73 -22.07 -0.68 12.48
N ARG A 74 -22.58 -0.88 13.69
CA ARG A 74 -24.01 -1.12 13.91
C ARG A 74 -24.89 0.08 13.65
N SER A 75 -24.34 1.30 13.65
CA SER A 75 -25.15 2.50 13.49
C SER A 75 -25.10 2.93 12.02
N ARG A 76 -25.87 2.21 11.21
CA ARG A 76 -26.04 2.52 9.80
C ARG A 76 -27.12 3.57 9.64
N LYS A 77 -27.01 4.34 8.56
CA LYS A 77 -27.87 5.48 8.21
C LYS A 77 -27.51 6.73 9.01
N THR A 78 -26.45 6.71 9.81
CA THR A 78 -25.95 7.94 10.39
C THR A 78 -25.27 8.77 9.30
N PRO A 79 -25.41 10.10 9.31
CA PRO A 79 -24.68 10.90 8.30
C PRO A 79 -23.18 10.74 8.36
N ILE A 80 -22.60 10.57 9.56
CA ILE A 80 -21.15 10.48 9.64
C ILE A 80 -20.67 9.15 9.07
N PHE A 81 -21.48 8.09 9.19
CA PHE A 81 -21.12 6.83 8.56
C PHE A 81 -21.16 6.93 7.04
N ILE A 82 -22.18 7.58 6.51
CA ILE A 82 -22.31 7.69 5.06
C ILE A 82 -21.19 8.57 4.52
N ILE A 83 -20.83 9.62 5.25
CA ILE A 83 -19.73 10.48 4.81
C ILE A 83 -18.43 9.71 4.86
N ASN A 84 -18.21 8.93 5.92
CA ASN A 84 -16.97 8.18 6.05
C ASN A 84 -16.85 7.16 4.92
N GLN A 85 -17.99 6.59 4.51
CA GLN A 85 -17.95 5.67 3.36
C GLN A 85 -17.61 6.43 2.09
N VAL A 86 -18.23 7.59 1.87
CA VAL A 86 -17.96 8.35 0.65
C VAL A 86 -16.48 8.72 0.59
N SER A 87 -15.91 9.02 1.75
CA SER A 87 -14.51 9.45 1.79
C SER A 87 -13.57 8.28 1.59
N LEU A 88 -13.89 7.11 2.14
CA LEU A 88 -13.02 5.96 1.93
C LEU A 88 -13.11 5.47 0.49
N PHE A 89 -14.31 5.51 -0.11
CA PHE A 89 -14.43 5.14 -1.52
C PHE A 89 -13.72 6.14 -2.41
N LEU A 90 -13.70 7.42 -2.03
CA LEU A 90 -12.98 8.40 -2.83
C LEU A 90 -11.48 8.30 -2.64
N ILE A 91 -11.02 7.89 -1.46
CA ILE A 91 -9.59 7.64 -1.29
C ILE A 91 -9.17 6.45 -2.15
N ILE A 92 -9.99 5.40 -2.17
CA ILE A 92 -9.65 4.22 -2.95
C ILE A 92 -9.64 4.56 -4.44
N LEU A 93 -10.63 5.34 -4.90
CA LEU A 93 -10.71 5.65 -6.32
C LEU A 93 -9.61 6.62 -6.74
N HIS A 94 -9.25 7.57 -5.87
CA HIS A 94 -8.12 8.44 -6.14
C HIS A 94 -6.82 7.66 -6.20
N SER A 95 -6.62 6.75 -5.26
CA SER A 95 -5.42 5.91 -5.28
C SER A 95 -5.39 5.06 -6.54
N ALA A 96 -6.55 4.60 -7.02
CA ALA A 96 -6.58 3.77 -8.23
C ALA A 96 -6.20 4.58 -9.46
N LEU A 97 -6.75 5.78 -9.59
CA LEU A 97 -6.36 6.62 -10.73
C LEU A 97 -4.89 6.99 -10.64
N TYR A 98 -4.40 7.28 -9.44
CA TYR A 98 -2.99 7.59 -9.28
C TYR A 98 -2.14 6.37 -9.65
N PHE A 99 -2.61 5.16 -9.30
CA PHE A 99 -1.88 3.95 -9.65
C PHE A 99 -1.86 3.75 -11.15
N LYS A 100 -2.83 4.32 -11.87
CA LYS A 100 -2.70 4.33 -13.32
C LYS A 100 -1.71 5.41 -13.75
N TYR A 101 -1.67 6.53 -13.04
CA TYR A 101 -0.78 7.63 -13.44
C TYR A 101 0.67 7.20 -13.33
N LEU A 102 1.02 6.49 -12.25
CA LEU A 102 2.39 6.03 -12.08
C LEU A 102 2.78 5.00 -13.12
N LEU A 103 1.81 4.33 -13.75
CA LEU A 103 2.05 3.34 -14.79
C LEU A 103 1.58 3.84 -16.17
N SER A 104 1.63 5.16 -16.34
CA SER A 104 1.13 5.77 -17.59
C SER A 104 2.28 6.38 -18.34
N ASN A 105 2.00 7.40 -19.14
CA ASN A 105 3.07 7.95 -20.00
C ASN A 105 3.44 9.33 -19.50
N TYR A 106 2.88 9.77 -18.37
CA TYR A 106 3.31 11.06 -17.80
C TYR A 106 4.34 10.83 -16.69
N SER A 107 4.26 9.73 -15.92
CA SER A 107 5.25 9.39 -14.92
C SER A 107 6.42 8.59 -15.49
N SER A 108 6.32 8.13 -16.73
CA SER A 108 7.41 7.39 -17.34
C SER A 108 8.65 8.26 -17.45
N VAL A 109 9.82 7.62 -17.34
CA VAL A 109 11.08 8.32 -17.58
C VAL A 109 11.24 8.68 -19.05
N THR A 110 10.42 8.10 -19.93
CA THR A 110 10.43 8.48 -21.33
C THR A 110 10.06 9.94 -21.52
N TYR A 111 9.09 10.42 -20.73
CA TYR A 111 8.67 11.80 -20.79
C TYR A 111 9.46 12.69 -19.84
N ALA A 112 9.90 12.14 -18.70
CA ALA A 112 10.67 12.92 -17.75
C ALA A 112 12.09 13.19 -18.23
N LEU A 113 12.58 12.45 -19.24
CA LEU A 113 13.88 12.70 -19.84
C LEU A 113 13.75 13.35 -21.22
N THR A 114 12.84 12.86 -22.05
CA THR A 114 12.58 13.40 -23.38
C THR A 114 11.21 14.06 -23.36
N GLY A 115 11.19 15.39 -23.30
CA GLY A 115 9.93 16.11 -23.26
C GLY A 115 9.23 16.16 -24.59
N PHE A 116 8.78 14.99 -25.07
CA PHE A 116 8.12 14.89 -26.37
C PHE A 116 6.62 14.90 -26.16
N PRO A 117 5.89 15.95 -26.60
CA PRO A 117 4.42 15.92 -26.43
C PRO A 117 3.70 14.94 -27.35
N GLN A 118 4.40 14.33 -28.32
CA GLN A 118 3.76 13.34 -29.18
C GLN A 118 3.47 12.05 -28.43
N PHE A 119 4.30 11.69 -27.45
CA PHE A 119 4.09 10.48 -26.67
C PHE A 119 2.82 10.55 -25.84
N ILE A 120 2.26 11.73 -25.66
CA ILE A 120 1.12 11.93 -24.78
C ILE A 120 -0.15 11.52 -25.49
N SER A 121 -0.95 10.69 -24.82
CA SER A 121 -2.28 10.31 -25.30
C SER A 121 -3.33 11.12 -24.55
N ARG A 122 -4.36 11.56 -25.27
CA ARG A 122 -5.38 12.42 -24.70
C ARG A 122 -6.15 11.72 -23.59
N GLY A 123 -6.18 10.39 -23.60
CA GLY A 123 -6.77 9.64 -22.50
C GLY A 123 -6.03 9.87 -21.19
N ASP A 124 -4.70 10.04 -21.26
CA ASP A 124 -3.97 10.38 -20.04
C ASP A 124 -4.34 11.76 -19.53
N VAL A 125 -4.64 12.70 -20.43
CA VAL A 125 -5.11 14.01 -19.98
C VAL A 125 -6.47 13.88 -19.31
N HIS A 126 -7.34 13.02 -19.85
CA HIS A 126 -8.63 12.79 -19.21
C HIS A 126 -8.47 12.11 -17.85
N VAL A 127 -7.51 11.20 -17.72
CA VAL A 127 -7.24 10.57 -16.43
C VAL A 127 -6.75 11.62 -15.43
N TYR A 128 -5.89 12.53 -15.89
CA TYR A 128 -5.42 13.62 -15.04
C TYR A 128 -6.59 14.46 -14.53
N GLY A 129 -7.49 14.82 -15.44
CA GLY A 129 -8.65 15.60 -15.03
C GLY A 129 -9.57 14.85 -14.09
N ALA A 130 -9.78 13.55 -14.35
CA ALA A 130 -10.63 12.77 -13.46
C ALA A 130 -10.02 12.68 -12.07
N THR A 131 -8.70 12.55 -12.01
CA THR A 131 -8.05 12.49 -10.71
C THR A 131 -8.20 13.81 -9.97
N ASN A 132 -8.11 14.93 -10.68
CA ASN A 132 -8.24 16.22 -10.01
C ASN A 132 -9.67 16.44 -9.50
N ILE A 133 -10.67 16.04 -10.29
CA ILE A 133 -12.06 16.14 -9.83
C ILE A 133 -12.31 15.24 -8.62
N ILE A 134 -11.76 14.02 -8.64
CA ILE A 134 -11.96 13.12 -7.52
C ILE A 134 -11.26 13.65 -6.28
N GLN A 135 -10.12 14.34 -6.44
CA GLN A 135 -9.49 14.95 -5.28
C GLN A 135 -10.36 16.07 -4.72
N VAL A 136 -11.00 16.85 -5.61
CA VAL A 136 -11.87 17.92 -5.15
C VAL A 136 -13.03 17.34 -4.36
N LEU A 137 -13.62 16.25 -4.86
CA LEU A 137 -14.71 15.59 -4.14
C LEU A 137 -14.23 14.98 -2.82
N LEU A 138 -12.98 14.51 -2.78
CA LEU A 138 -12.44 13.95 -1.54
C LEU A 138 -12.31 15.01 -0.48
N VAL A 139 -11.77 16.17 -0.84
CA VAL A 139 -11.64 17.26 0.12
C VAL A 139 -13.03 17.73 0.56
N ALA A 140 -13.99 17.72 -0.38
CA ALA A 140 -15.35 18.09 -0.02
C ALA A 140 -15.95 17.12 0.99
N SER A 141 -15.70 15.82 0.82
CA SER A 141 -16.23 14.84 1.75
C SER A 141 -15.56 14.94 3.11
N ILE A 142 -14.26 15.21 3.14
CA ILE A 142 -13.55 15.31 4.41
C ILE A 142 -14.05 16.52 5.18
N GLU A 143 -14.21 17.66 4.50
CA GLU A 143 -14.70 18.84 5.18
C GLU A 143 -16.18 18.71 5.54
N THR A 144 -16.96 17.97 4.75
CA THR A 144 -18.33 17.68 5.15
C THR A 144 -18.35 16.90 6.46
N SER A 145 -17.45 15.92 6.59
CA SER A 145 -17.37 15.15 7.83
C SER A 145 -17.00 16.06 8.98
N LEU A 146 -16.06 16.97 8.76
CA LEU A 146 -15.57 17.76 9.87
C LEU A 146 -16.60 18.80 10.31
N VAL A 147 -17.22 19.44 9.35
CA VAL A 147 -18.30 20.41 9.66
C VAL A 147 -19.41 19.62 10.36
N PHE A 148 -19.55 18.31 10.10
CA PHE A 148 -20.62 17.44 10.69
C PHE A 148 -20.14 16.87 12.01
N GLN A 149 -18.84 16.93 12.29
CA GLN A 149 -18.30 16.44 13.56
C GLN A 149 -18.33 17.60 14.54
N ILE A 150 -18.26 18.86 14.09
CA ILE A 150 -18.21 19.99 15.01
C ILE A 150 -19.64 20.43 15.25
N LYS A 151 -20.49 20.41 14.21
CA LYS A 151 -21.89 20.71 14.38
C LYS A 151 -22.53 19.75 15.38
N VAL A 152 -22.26 18.44 15.25
CA VAL A 152 -22.93 17.49 16.13
C VAL A 152 -22.35 17.53 17.55
N ILE A 153 -21.02 17.68 17.68
CA ILE A 153 -20.42 17.68 19.00
C ILE A 153 -20.71 18.96 19.76
N PHE A 154 -20.98 20.07 19.05
CA PHE A 154 -21.33 21.32 19.71
C PHE A 154 -22.80 21.40 20.08
N THR A 155 -23.60 20.37 19.77
CA THR A 155 -24.99 20.31 20.17
C THR A 155 -25.08 19.69 21.56
N GLY A 156 -25.67 20.44 22.49
CA GLY A 156 -25.81 20.01 23.88
C GLY A 156 -24.94 20.80 24.84
N ASP A 157 -23.98 21.59 24.36
CA ASP A 157 -23.13 22.39 25.22
C ASP A 157 -23.87 23.66 25.62
N ASN A 158 -23.92 23.94 26.92
CA ASN A 158 -24.56 25.15 27.42
C ASN A 158 -23.96 26.40 26.78
N PHE A 159 -22.63 26.42 26.63
CA PHE A 159 -21.93 27.53 25.99
C PHE A 159 -22.03 27.38 24.48
N LYS A 160 -23.25 27.57 23.98
CA LYS A 160 -23.52 27.42 22.55
C LYS A 160 -23.09 28.64 21.74
N ARG A 161 -22.89 29.79 22.39
CA ARG A 161 -22.31 30.95 21.73
C ARG A 161 -20.99 30.60 21.06
N ILE A 162 -20.04 30.08 21.83
CA ILE A 162 -18.73 29.77 21.26
C ILE A 162 -18.80 28.54 20.37
N GLY A 163 -19.74 27.63 20.64
CA GLY A 163 -19.92 26.48 19.77
C GLY A 163 -20.34 26.89 18.37
N LEU A 164 -21.27 27.84 18.27
CA LEU A 164 -21.70 28.29 16.96
C LEU A 164 -20.56 29.03 16.25
N MET A 165 -19.81 29.82 17.01
CA MET A 165 -18.63 30.49 16.46
C MET A 165 -17.66 29.47 15.86
N LEU A 166 -17.41 28.37 16.58
CA LEU A 166 -16.46 27.38 16.12
C LEU A 166 -16.97 26.68 14.86
N THR A 167 -18.24 26.30 14.86
CA THR A 167 -18.85 25.73 13.65
C THR A 167 -18.66 26.66 12.47
N SER A 168 -18.96 27.96 12.68
CA SER A 168 -18.88 28.93 11.60
C SER A 168 -17.48 29.01 11.02
N ILE A 169 -16.48 29.20 11.88
CA ILE A 169 -15.10 29.30 11.39
C ILE A 169 -14.71 28.03 10.63
N SER A 170 -15.02 26.86 11.20
CA SER A 170 -14.64 25.60 10.56
C SER A 170 -15.30 25.49 9.18
N PHE A 171 -16.57 25.90 9.09
CA PHE A 171 -17.31 25.79 7.83
C PHE A 171 -16.77 26.79 6.81
N THR A 172 -16.32 27.96 7.29
CA THR A 172 -15.65 28.92 6.41
C THR A 172 -14.36 28.34 5.86
N LEU A 173 -13.57 27.70 6.71
CA LEU A 173 -12.32 27.08 6.27
C LEU A 173 -12.61 25.95 5.28
N GLY A 174 -13.68 25.20 5.52
CA GLY A 174 -14.01 24.11 4.63
C GLY A 174 -14.36 24.61 3.24
N ILE A 175 -15.21 25.64 3.18
CA ILE A 175 -15.57 26.20 1.89
C ILE A 175 -14.36 26.83 1.22
N ALA A 176 -13.48 27.47 2.00
CA ALA A 176 -12.31 28.09 1.41
C ALA A 176 -11.38 27.05 0.80
N THR A 177 -11.15 25.93 1.50
CA THR A 177 -10.27 24.91 0.93
C THR A 177 -10.91 24.21 -0.26
N VAL A 178 -12.22 23.94 -0.22
CA VAL A 178 -12.87 23.29 -1.35
C VAL A 178 -12.84 24.21 -2.57
N THR A 179 -13.09 25.50 -2.36
CA THR A 179 -13.06 26.45 -3.48
C THR A 179 -11.65 26.62 -4.02
N MET A 180 -10.65 26.60 -3.14
CA MET A 180 -9.28 26.74 -3.60
C MET A 180 -8.81 25.49 -4.34
N TYR A 181 -9.27 24.31 -3.91
CA TYR A 181 -8.93 23.09 -4.64
C TYR A 181 -9.61 23.09 -6.01
N PHE A 182 -10.84 23.58 -6.09
CA PHE A 182 -11.52 23.62 -7.38
C PHE A 182 -10.88 24.66 -8.31
N VAL A 183 -10.45 25.80 -7.76
CA VAL A 183 -9.77 26.81 -8.56
C VAL A 183 -8.42 26.27 -9.06
N SER A 184 -7.67 25.60 -8.18
CA SER A 184 -6.42 24.99 -8.59
C SER A 184 -6.65 23.95 -9.66
N ALA A 185 -7.72 23.16 -9.51
CA ALA A 185 -8.01 22.12 -10.48
C ALA A 185 -8.29 22.72 -11.85
N VAL A 186 -9.15 23.73 -11.93
CA VAL A 186 -9.50 24.27 -13.24
C VAL A 186 -8.32 25.03 -13.84
N LYS A 187 -7.52 25.71 -13.00
CA LYS A 187 -6.37 26.42 -13.52
C LYS A 187 -5.27 25.46 -13.97
N GLY A 188 -5.29 24.21 -13.48
CA GLY A 188 -4.39 23.21 -14.01
C GLY A 188 -4.95 22.55 -15.26
N MET A 189 -6.27 22.42 -15.33
CA MET A 189 -6.92 21.77 -16.47
C MET A 189 -6.80 22.60 -17.72
N ILE A 190 -7.00 23.92 -17.62
CA ILE A 190 -6.95 24.72 -18.85
C ILE A 190 -5.52 24.72 -19.40
N VAL A 191 -4.52 24.71 -18.52
CA VAL A 191 -3.14 24.72 -18.97
C VAL A 191 -2.77 23.37 -19.55
N THR A 192 -3.15 22.27 -18.89
CA THR A 192 -2.81 20.94 -19.40
C THR A 192 -3.50 20.68 -20.73
N TYR A 193 -4.79 21.01 -20.84
CA TYR A 193 -5.50 20.82 -22.09
C TYR A 193 -4.89 21.67 -23.19
N ASN A 194 -4.49 22.91 -22.86
CA ASN A 194 -3.87 23.77 -23.87
C ASN A 194 -2.47 23.26 -24.22
N ASP A 195 -1.59 23.17 -23.22
CA ASP A 195 -0.22 22.69 -23.40
C ASP A 195 0.04 21.55 -22.44
N VAL A 196 0.41 20.39 -22.98
CA VAL A 196 0.64 19.20 -22.14
C VAL A 196 1.92 19.27 -21.34
N SER A 197 2.81 20.23 -21.64
CA SER A 197 4.13 20.33 -21.02
C SER A 197 4.23 21.49 -20.05
N ALA A 198 3.13 21.83 -19.38
CA ALA A 198 3.09 22.92 -18.42
C ALA A 198 2.21 22.53 -17.24
N THR A 199 2.38 23.26 -16.14
CA THR A 199 1.64 22.98 -14.91
C THR A 199 1.35 24.30 -14.20
N GLN A 200 0.33 24.26 -13.33
CA GLN A 200 -0.06 25.40 -12.50
C GLN A 200 -0.17 24.88 -11.06
N ASP A 201 0.95 24.87 -10.35
CA ASP A 201 1.01 24.44 -8.96
C ASP A 201 0.98 25.60 -7.97
N LYS A 202 0.77 26.83 -8.45
CA LYS A 202 0.79 27.99 -7.56
C LYS A 202 -0.30 27.90 -6.50
N TYR A 203 -1.51 27.50 -6.91
CA TYR A 203 -2.64 27.40 -6.00
C TYR A 203 -2.63 26.09 -5.22
N PHE A 204 -1.90 25.08 -5.69
CA PHE A 204 -1.76 23.83 -4.95
C PHE A 204 -1.27 24.03 -3.53
N ASN A 205 -0.08 24.63 -3.38
CA ASN A 205 0.51 24.85 -2.06
C ASN A 205 -0.48 25.54 -1.13
N ALA A 206 -1.21 26.53 -1.65
CA ALA A 206 -2.18 27.24 -0.83
C ALA A 206 -3.33 26.34 -0.39
N SER A 207 -3.85 25.52 -1.30
CA SER A 207 -4.97 24.67 -0.92
C SER A 207 -4.56 23.57 0.05
N THR A 208 -3.33 23.04 -0.08
CA THR A 208 -2.89 22.02 0.87
C THR A 208 -2.66 22.63 2.25
N ILE A 209 -2.08 23.83 2.31
CA ILE A 209 -1.91 24.46 3.62
C ILE A 209 -3.27 24.80 4.22
N LEU A 210 -4.26 25.15 3.38
CA LEU A 210 -5.59 25.41 3.91
C LEU A 210 -6.19 24.14 4.53
N LEU A 211 -6.01 23.00 3.86
CA LEU A 211 -6.53 21.74 4.40
C LEU A 211 -5.80 21.36 5.68
N ALA A 212 -4.47 21.54 5.71
CA ALA A 212 -3.71 21.21 6.91
C ALA A 212 -4.12 22.10 8.06
N SER A 213 -4.37 23.38 7.80
CA SER A 213 -4.79 24.28 8.87
C SER A 213 -6.19 23.95 9.35
N SER A 214 -7.06 23.48 8.46
CA SER A 214 -8.38 23.03 8.90
C SER A 214 -8.26 21.84 9.84
N ILE A 215 -7.49 20.82 9.43
CA ILE A 215 -7.27 19.65 10.28
C ILE A 215 -6.67 20.06 11.62
N ASN A 216 -5.67 20.96 11.58
CA ASN A 216 -5.07 21.46 12.81
C ASN A 216 -6.11 22.14 13.70
N PHE A 217 -7.01 22.92 13.09
CA PHE A 217 -8.06 23.60 13.85
C PHE A 217 -8.96 22.58 14.52
N MET A 218 -9.35 21.55 13.77
CA MET A 218 -10.21 20.53 14.34
C MET A 218 -9.57 19.84 15.52
N SER A 219 -8.30 19.45 15.36
CA SER A 219 -7.64 18.75 16.46
C SER A 219 -7.48 19.65 17.67
N PHE A 220 -7.33 20.94 17.41
CA PHE A 220 -7.30 21.89 18.57
C PHE A 220 -8.67 21.84 19.25
N VAL A 221 -9.73 22.13 18.52
CA VAL A 221 -11.07 22.20 19.15
C VAL A 221 -11.35 20.90 19.91
N LEU A 222 -11.19 19.76 19.26
CA LEU A 222 -11.58 18.49 19.92
C LEU A 222 -10.68 18.24 21.12
N VAL A 223 -9.43 18.70 21.10
CA VAL A 223 -8.60 18.34 22.25
C VAL A 223 -8.88 19.31 23.40
N VAL A 224 -9.02 20.60 23.09
CA VAL A 224 -9.40 21.60 24.09
C VAL A 224 -10.68 21.19 24.79
N LYS A 225 -11.73 20.94 24.00
CA LYS A 225 -13.03 20.59 24.58
C LYS A 225 -12.93 19.35 25.44
N LEU A 226 -12.36 18.27 24.91
CA LEU A 226 -12.23 17.03 25.67
C LEU A 226 -11.33 17.20 26.90
N ILE A 227 -10.43 18.18 26.87
CA ILE A 227 -9.60 18.45 28.04
C ILE A 227 -10.42 19.10 29.13
N LEU A 228 -11.21 20.13 28.78
CA LEU A 228 -12.08 20.70 29.80
C LEU A 228 -13.16 19.70 30.24
N ALA A 229 -13.47 18.70 29.40
CA ALA A 229 -14.52 17.74 29.70
C ALA A 229 -14.00 16.52 30.46
N ILE A 230 -12.68 16.42 30.62
CA ILE A 230 -12.09 15.47 31.55
C ILE A 230 -11.51 16.17 32.77
N ARG A 231 -11.30 17.49 32.71
CA ARG A 231 -10.96 18.26 33.89
C ARG A 231 -12.20 18.49 34.76
N SER A 232 -13.36 18.68 34.12
CA SER A 232 -14.60 18.73 34.89
C SER A 232 -14.94 17.36 35.47
N ARG A 233 -14.48 16.29 34.84
CA ARG A 233 -14.70 14.93 35.33
C ARG A 233 -13.59 14.45 36.27
N ARG A 234 -12.52 15.22 36.42
CA ARG A 234 -11.46 14.92 37.38
C ARG A 234 -11.63 15.67 38.68
N PHE A 235 -12.21 16.88 38.65
CA PHE A 235 -12.53 17.59 39.88
C PHE A 235 -13.72 16.96 40.58
N LEU A 236 -14.56 16.28 39.78
CA LEU A 236 -15.72 15.54 40.30
C LEU A 236 -15.74 14.23 39.51
N GLY A 237 -15.39 13.10 40.13
CA GLY A 237 -15.23 11.84 39.37
C GLY A 237 -13.77 11.67 38.98
N LEU A 238 -13.47 10.82 37.98
CA LEU A 238 -12.04 10.56 37.62
C LEU A 238 -11.92 10.24 36.13
N LYS A 239 -10.78 10.55 35.50
CA LYS A 239 -10.65 10.35 34.06
C LYS A 239 -9.30 9.67 33.80
N GLN A 240 -9.30 8.34 33.78
CA GLN A 240 -8.07 7.60 33.55
C GLN A 240 -8.26 6.50 32.50
N PHE A 241 -9.48 5.96 32.31
CA PHE A 241 -9.56 4.82 31.34
C PHE A 241 -10.89 4.64 30.60
N ASP A 242 -11.84 5.56 30.71
CA ASP A 242 -13.19 5.36 30.09
C ASP A 242 -13.12 5.58 28.57
N SER A 243 -14.20 5.30 27.83
CA SER A 243 -14.22 5.62 26.38
C SER A 243 -13.74 7.06 26.20
N PHE A 244 -14.00 7.90 27.19
CA PHE A 244 -13.52 9.31 27.20
C PHE A 244 -12.05 9.20 26.82
N HIS A 245 -11.36 8.24 27.44
CA HIS A 245 -9.91 8.12 27.16
C HIS A 245 -9.67 7.74 25.70
N ILE A 246 -10.63 7.10 25.01
CA ILE A 246 -10.28 6.66 23.67
C ILE A 246 -10.39 7.84 22.71
N LEU A 247 -11.48 8.60 22.82
CA LEU A 247 -11.61 9.81 22.01
C LEU A 247 -10.45 10.78 22.26
N LEU A 248 -10.07 11.01 23.53
CA LEU A 248 -8.95 11.89 23.81
C LEU A 248 -7.66 11.40 23.18
N ILE A 249 -7.46 10.08 23.13
CA ILE A 249 -6.23 9.54 22.56
C ILE A 249 -6.22 9.74 21.05
N MET A 250 -7.34 9.43 20.39
CA MET A 250 -7.39 9.62 18.95
C MET A 250 -7.34 11.09 18.56
N SER A 251 -7.88 11.98 19.39
CA SER A 251 -7.79 13.40 19.05
C SER A 251 -6.39 13.95 19.31
N CYS A 252 -5.65 13.40 20.28
CA CYS A 252 -4.26 13.82 20.43
C CYS A 252 -3.39 13.22 19.32
N GLN A 253 -3.73 12.03 18.84
CA GLN A 253 -3.04 11.48 17.68
C GLN A 253 -3.31 12.33 16.45
N SER A 254 -4.58 12.72 16.23
CA SER A 254 -4.89 13.58 15.10
C SER A 254 -4.23 14.94 15.26
N LEU A 255 -3.97 15.35 16.50
CA LEU A 255 -3.29 16.62 16.73
C LEU A 255 -1.82 16.52 16.33
N LEU A 256 -1.16 15.43 16.71
CA LEU A 256 0.30 15.37 16.60
C LEU A 256 0.83 14.69 15.35
N VAL A 257 0.23 13.60 14.85
CA VAL A 257 0.87 12.89 13.74
C VAL A 257 0.65 13.58 12.40
N PRO A 258 -0.56 14.03 12.00
CA PRO A 258 -0.65 14.65 10.66
C PRO A 258 0.11 15.96 10.55
N SER A 259 0.22 16.73 11.64
CA SER A 259 1.02 17.95 11.58
C SER A 259 2.50 17.63 11.45
N ILE A 260 2.94 16.57 12.13
CA ILE A 260 4.33 16.15 12.02
C ILE A 260 4.62 15.67 10.61
N ILE A 261 3.66 14.97 10.00
CA ILE A 261 3.86 14.49 8.64
C ILE A 261 3.81 15.64 7.64
N PHE A 262 2.99 16.66 7.89
CA PHE A 262 2.96 17.81 7.00
C PHE A 262 4.28 18.57 7.03
N ILE A 263 4.81 18.82 8.24
CA ILE A 263 6.10 19.50 8.30
C ILE A 263 7.22 18.62 7.73
N LEU A 264 7.12 17.29 7.90
CA LEU A 264 8.12 16.41 7.32
C LEU A 264 8.08 16.46 5.80
N ALA A 265 6.87 16.50 5.23
CA ALA A 265 6.73 16.63 3.79
C ALA A 265 7.25 17.97 3.32
N TYR A 266 7.17 19.03 4.10
CA TYR A 266 7.60 20.36 3.62
C TYR A 266 9.09 20.55 3.92
N SER A 267 9.74 19.73 4.77
CA SER A 267 11.12 19.97 5.19
C SER A 267 12.15 19.13 4.45
N LEU A 268 11.82 17.89 4.09
CA LEU A 268 12.81 16.97 3.55
C LEU A 268 13.29 17.44 2.18
N LYS A 269 14.26 16.72 1.63
CA LYS A 269 14.89 17.12 0.38
C LYS A 269 13.88 17.05 -0.77
N PRO A 270 13.87 18.01 -1.69
CA PRO A 270 12.92 17.96 -2.81
C PRO A 270 13.36 16.94 -3.86
N ASN A 271 12.42 16.66 -4.77
CA ASN A 271 12.62 15.80 -5.94
C ASN A 271 12.91 14.35 -5.57
N GLN A 272 12.71 13.95 -4.32
CA GLN A 272 12.92 12.59 -3.87
C GLN A 272 11.62 11.78 -3.78
N GLY A 273 10.50 12.34 -4.24
CA GLY A 273 9.23 11.64 -4.18
C GLY A 273 8.60 11.59 -2.82
N THR A 274 9.18 12.25 -1.82
CA THR A 274 8.63 12.27 -0.46
C THR A 274 7.54 13.34 -0.30
N ASP A 275 7.28 14.14 -1.33
CA ASP A 275 6.32 15.23 -1.21
C ASP A 275 4.88 14.77 -1.09
N VAL A 276 4.59 13.49 -1.34
CA VAL A 276 3.22 12.98 -1.24
C VAL A 276 2.94 12.46 0.18
N LEU A 277 3.79 12.79 1.14
CA LEU A 277 3.49 12.48 2.54
C LEU A 277 2.30 13.28 3.07
N THR A 278 1.96 14.39 2.43
CA THR A 278 0.73 15.10 2.79
C THR A 278 -0.50 14.22 2.60
N THR A 279 -0.41 13.23 1.71
CA THR A 279 -1.53 12.32 1.52
C THR A 279 -1.58 11.26 2.61
N VAL A 280 -0.44 10.97 3.25
CA VAL A 280 -0.47 10.11 4.42
C VAL A 280 -1.02 10.89 5.60
N ALA A 281 -0.72 12.19 5.67
CA ALA A 281 -1.30 13.01 6.73
C ALA A 281 -2.82 13.09 6.58
N THR A 282 -3.31 13.30 5.36
CA THR A 282 -4.76 13.29 5.15
C THR A 282 -5.34 11.89 5.37
N LEU A 283 -4.59 10.84 5.05
CA LEU A 283 -5.07 9.48 5.31
C LEU A 283 -5.28 9.27 6.80
N LEU A 284 -4.34 9.71 7.63
CA LEU A 284 -4.49 9.50 9.07
C LEU A 284 -5.55 10.42 9.65
N ALA A 285 -5.71 11.63 9.10
CA ALA A 285 -6.78 12.50 9.56
C ALA A 285 -8.14 11.93 9.21
N VAL A 286 -8.25 11.20 8.09
CA VAL A 286 -9.48 10.49 7.79
C VAL A 286 -9.66 9.30 8.72
N LEU A 287 -8.64 8.46 8.85
CA LEU A 287 -8.74 7.21 9.60
C LEU A 287 -8.81 7.40 11.10
N SER A 288 -8.68 8.62 11.62
CA SER A 288 -8.85 8.81 13.05
C SER A 288 -10.29 8.54 13.47
N LEU A 289 -11.26 8.99 12.67
CA LEU A 289 -12.67 8.94 13.06
C LEU A 289 -13.29 7.54 12.97
N PRO A 290 -13.07 6.76 11.90
CA PRO A 290 -13.69 5.43 11.90
C PRO A 290 -13.07 4.52 12.94
N LEU A 291 -11.75 4.62 13.12
CA LEU A 291 -11.09 3.86 14.17
C LEU A 291 -11.53 4.33 15.54
N SER A 292 -11.84 5.63 15.67
CA SER A 292 -12.38 6.14 16.93
C SER A 292 -13.75 5.55 17.20
N SER A 293 -14.56 5.40 16.15
CA SER A 293 -15.89 4.83 16.32
C SER A 293 -15.79 3.35 16.69
N MET A 294 -14.85 2.63 16.06
CA MET A 294 -14.67 1.21 16.39
C MET A 294 -14.24 1.05 17.84
N TRP A 295 -13.23 1.80 18.29
CA TRP A 295 -12.81 1.68 19.68
C TRP A 295 -13.93 2.10 20.62
N ALA A 296 -14.69 3.14 20.25
CA ALA A 296 -15.75 3.62 21.12
C ALA A 296 -16.83 2.55 21.29
N THR A 297 -17.20 1.88 20.18
CA THR A 297 -18.21 0.83 20.28
C THR A 297 -17.65 -0.38 21.03
N ALA A 298 -16.36 -0.68 20.86
CA ALA A 298 -15.76 -1.85 21.47
C ALA A 298 -15.30 -1.59 22.90
N ALA A 299 -15.48 -0.36 23.41
CA ALA A 299 -15.36 -0.07 24.82
C ALA A 299 -16.69 0.28 25.47
N ASN A 300 -17.71 0.60 24.67
CA ASN A 300 -19.06 0.77 25.19
C ASN A 300 -19.80 -0.56 25.33
N ASN A 301 -19.48 -1.55 24.48
CA ASN A 301 -20.22 -2.80 24.50
C ASN A 301 -20.05 -3.53 25.83
N ALA A 302 -18.84 -3.55 26.37
CA ALA A 302 -18.59 -4.20 27.66
C ALA A 302 -19.22 -3.39 28.78
N TRP B 1 13.67 23.53 3.60
CA TRP B 1 12.21 23.74 3.42
C TRP B 1 11.94 24.20 1.99
N HIS B 2 10.83 23.73 1.41
CA HIS B 2 10.58 23.93 0.00
C HIS B 2 9.08 23.89 -0.27
N TRP B 3 8.69 24.52 -1.37
CA TRP B 3 7.34 24.39 -1.88
C TRP B 3 7.17 23.04 -2.57
N LEU B 4 6.00 22.44 -2.42
CA LEU B 4 5.71 21.21 -3.15
C LEU B 4 5.69 21.50 -4.64
N GLN B 5 6.35 20.63 -5.40
CA GLN B 5 6.44 20.76 -6.84
C GLN B 5 5.61 19.67 -7.48
N LEU B 6 4.81 20.06 -8.47
CA LEU B 6 4.06 19.14 -9.30
C LEU B 6 4.83 19.00 -10.61
N LYS B 7 5.07 17.76 -11.01
CA LYS B 7 5.65 17.51 -12.32
C LYS B 7 4.70 18.06 -13.38
N PRO B 8 5.15 18.22 -14.63
CA PRO B 8 4.35 19.00 -15.60
C PRO B 8 2.92 18.55 -15.79
N GLY B 9 2.56 17.36 -15.32
CA GLY B 9 1.17 16.93 -15.30
C GLY B 9 0.80 16.02 -14.15
N GLN B 10 1.47 16.18 -13.02
CA GLN B 10 1.19 15.33 -11.86
C GLN B 10 -0.21 15.65 -11.32
N PRO B 11 -1.13 14.69 -11.25
CA PRO B 11 -2.42 14.99 -10.62
C PRO B 11 -2.26 15.30 -9.14
N MET B 12 -3.34 15.79 -8.55
CA MET B 12 -3.26 16.35 -7.21
C MET B 12 -2.94 15.27 -6.20
N TYR B 13 -2.05 15.59 -5.27
CA TYR B 13 -1.65 14.64 -4.25
C TYR B 13 -2.87 14.28 -3.39
N TRP C 1 1.42 -19.27 -19.49
CA TRP C 1 1.78 -19.78 -18.13
C TRP C 1 3.30 -19.88 -18.03
N HIS C 2 3.83 -19.56 -16.85
CA HIS C 2 5.27 -19.42 -16.69
C HIS C 2 5.66 -19.69 -15.25
N TRP C 3 6.92 -20.06 -15.06
CA TRP C 3 7.50 -20.13 -13.72
C TRP C 3 7.82 -18.74 -13.22
N LEU C 4 7.64 -18.52 -11.92
CA LEU C 4 8.04 -17.25 -11.33
C LEU C 4 9.55 -17.11 -11.43
N GLN C 5 9.99 -15.93 -11.84
CA GLN C 5 11.40 -15.63 -12.00
C GLN C 5 11.81 -14.64 -10.92
N LEU C 6 12.93 -14.94 -10.28
CA LEU C 6 13.56 -14.04 -9.34
C LEU C 6 14.72 -13.36 -10.05
N LYS C 7 14.75 -12.04 -9.97
CA LYS C 7 15.88 -11.29 -10.48
C LYS C 7 17.13 -11.75 -9.73
N PRO C 8 18.33 -11.45 -10.24
CA PRO C 8 19.56 -12.10 -9.71
C PRO C 8 19.75 -11.97 -8.20
N GLY C 9 19.02 -11.09 -7.52
CA GLY C 9 19.02 -11.05 -6.09
C GLY C 9 17.71 -10.62 -5.45
N GLN C 10 16.60 -10.91 -6.11
CA GLN C 10 15.30 -10.51 -5.59
C GLN C 10 15.00 -11.31 -4.33
N PRO C 11 14.76 -10.67 -3.18
CA PRO C 11 14.34 -11.44 -2.00
C PRO C 11 12.99 -12.10 -2.22
N MET C 12 12.66 -12.99 -1.29
CA MET C 12 11.51 -13.87 -1.49
C MET C 12 10.23 -13.05 -1.48
N TYR C 13 9.32 -13.39 -2.40
CA TYR C 13 8.06 -12.68 -2.51
C TYR C 13 7.26 -12.90 -1.23
N ALA D 5 18.21 25.56 -23.04
CA ALA D 5 17.35 25.43 -24.25
C ALA D 5 18.02 26.10 -25.46
N PRO D 6 19.07 25.47 -26.00
CA PRO D 6 19.73 26.04 -27.19
C PRO D 6 18.79 26.16 -28.37
N SER D 7 18.18 25.05 -28.78
CA SER D 7 17.25 25.05 -29.91
C SER D 7 16.49 23.74 -29.98
N LEU D 8 15.16 23.81 -30.08
CA LEU D 8 14.35 22.61 -30.19
C LEU D 8 14.61 21.92 -31.52
N SER D 9 14.89 20.62 -31.46
CA SER D 9 15.17 19.85 -32.66
C SER D 9 13.91 19.75 -33.54
N ASN D 10 14.13 19.29 -34.78
CA ASN D 10 13.02 19.16 -35.71
C ASN D 10 11.99 18.17 -35.22
N LEU D 11 12.43 17.12 -34.50
CA LEU D 11 11.52 16.06 -34.10
C LEU D 11 10.54 16.49 -33.01
N PHE D 12 10.69 17.70 -32.46
CA PHE D 12 9.68 18.24 -31.57
C PHE D 12 8.42 18.60 -32.34
N TYR D 13 8.54 18.96 -33.62
CA TYR D 13 7.41 19.37 -34.44
C TYR D 13 6.80 18.23 -35.24
N ASP D 14 7.48 17.09 -35.35
CA ASP D 14 6.93 15.98 -36.11
C ASP D 14 5.89 15.25 -35.27
N PRO D 15 4.65 15.08 -35.75
CA PRO D 15 3.64 14.38 -34.94
C PRO D 15 3.64 12.86 -35.07
N THR D 16 4.56 12.28 -35.83
CA THR D 16 4.61 10.84 -36.04
C THR D 16 5.70 10.15 -35.23
N TYR D 17 6.78 10.84 -34.92
CA TYR D 17 7.86 10.26 -34.14
C TYR D 17 7.37 9.82 -32.76
N ASN D 18 7.76 8.61 -32.37
CA ASN D 18 7.43 8.04 -31.06
C ASN D 18 8.74 7.83 -30.28
N PRO D 19 8.82 8.27 -29.02
CA PRO D 19 10.06 8.00 -28.25
C PRO D 19 10.32 6.53 -27.97
N GLY D 20 9.37 5.63 -28.22
CA GLY D 20 9.49 4.27 -27.71
C GLY D 20 10.44 3.41 -28.52
N GLN D 21 10.63 3.74 -29.79
CA GLN D 21 11.61 3.05 -30.62
C GLN D 21 12.99 3.70 -30.58
N SER D 22 13.14 4.83 -29.90
CA SER D 22 14.45 5.46 -29.81
C SER D 22 15.35 4.66 -28.87
N THR D 23 16.66 4.79 -29.09
CA THR D 23 17.65 3.94 -28.45
C THR D 23 18.46 4.73 -27.43
N ILE D 24 18.68 4.11 -26.27
CA ILE D 24 19.56 4.62 -25.24
C ILE D 24 20.94 4.00 -25.47
N ASN D 25 21.98 4.82 -25.40
CA ASN D 25 23.36 4.35 -25.42
C ASN D 25 23.96 4.48 -24.02
N TYR D 26 24.56 3.39 -23.53
CA TYR D 26 25.16 3.36 -22.21
C TYR D 26 26.22 2.27 -22.18
N THR D 27 27.07 2.35 -21.16
CA THR D 27 28.16 1.40 -20.99
C THR D 27 27.72 0.25 -20.11
N SER D 28 28.17 -0.95 -20.45
CA SER D 28 27.86 -2.15 -19.69
C SER D 28 29.05 -3.08 -19.72
N ILE D 29 29.02 -4.08 -18.84
CA ILE D 29 30.13 -5.01 -18.74
C ILE D 29 30.30 -5.83 -20.01
N TYR D 30 29.20 -6.19 -20.68
CA TYR D 30 29.29 -7.06 -21.85
C TYR D 30 29.95 -6.36 -23.03
N GLY D 31 29.57 -5.10 -23.29
CA GLY D 31 30.07 -4.38 -24.44
C GLY D 31 30.29 -2.91 -24.20
N ASN D 32 30.15 -2.10 -25.26
CA ASN D 32 30.38 -0.66 -25.23
C ASN D 32 29.16 0.15 -25.63
N GLY D 33 28.45 -0.27 -26.67
CA GLY D 33 27.21 0.39 -27.06
C GLY D 33 26.03 -0.09 -26.24
N SER D 34 25.72 -1.38 -26.36
CA SER D 34 24.64 -2.03 -25.63
C SER D 34 23.33 -1.23 -25.70
N THR D 35 22.83 -1.08 -26.92
CA THR D 35 21.65 -0.25 -27.12
C THR D 35 20.42 -0.87 -26.48
N ILE D 36 19.58 -0.04 -25.87
CA ILE D 36 18.30 -0.44 -25.31
C ILE D 36 17.30 0.68 -25.57
N THR D 37 16.04 0.28 -25.74
CA THR D 37 14.97 1.23 -26.01
C THR D 37 14.33 1.70 -24.72
N PHE D 38 13.68 2.87 -24.80
CA PHE D 38 12.93 3.38 -23.65
C PHE D 38 11.78 2.50 -23.21
N ASP D 39 11.32 1.56 -24.05
CA ASP D 39 10.16 0.77 -23.65
C ASP D 39 10.55 -0.47 -22.86
N GLU D 40 11.74 -1.04 -23.10
CA GLU D 40 12.26 -2.03 -22.15
C GLU D 40 12.56 -1.39 -20.81
N LEU D 41 13.11 -0.17 -20.83
CA LEU D 41 13.40 0.54 -19.59
C LEU D 41 12.12 0.87 -18.83
N GLN D 42 11.08 1.31 -19.55
CA GLN D 42 9.83 1.60 -18.88
C GLN D 42 9.12 0.33 -18.43
N GLY D 43 9.36 -0.80 -19.11
CA GLY D 43 8.90 -2.07 -18.58
C GLY D 43 9.55 -2.41 -17.26
N LEU D 44 10.87 -2.22 -17.17
CA LEU D 44 11.58 -2.46 -15.92
C LEU D 44 11.04 -1.57 -14.80
N VAL D 45 10.92 -0.27 -15.08
CA VAL D 45 10.46 0.66 -14.04
C VAL D 45 9.01 0.37 -13.67
N ASN D 46 8.18 -0.04 -14.64
CA ASN D 46 6.79 -0.35 -14.33
C ASN D 46 6.69 -1.62 -13.50
N SER D 47 7.56 -2.60 -13.74
CA SER D 47 7.57 -3.78 -12.90
C SER D 47 7.97 -3.43 -11.47
N THR D 48 8.98 -2.57 -11.33
CA THR D 48 9.40 -2.16 -9.98
C THR D 48 8.27 -1.41 -9.29
N VAL D 49 7.58 -0.53 -10.02
CA VAL D 49 6.51 0.25 -9.43
C VAL D 49 5.32 -0.64 -9.08
N THR D 50 5.05 -1.66 -9.89
CA THR D 50 3.95 -2.57 -9.59
C THR D 50 4.24 -3.41 -8.35
N GLN D 51 5.47 -3.89 -8.21
CA GLN D 51 5.86 -4.57 -6.99
C GLN D 51 5.73 -3.65 -5.79
N ALA D 52 6.15 -2.38 -5.94
CA ALA D 52 6.02 -1.43 -4.84
C ALA D 52 4.56 -1.19 -4.48
N ILE D 53 3.68 -1.16 -5.48
CA ILE D 53 2.27 -0.92 -5.23
C ILE D 53 1.68 -2.07 -4.41
N MET D 54 1.93 -3.31 -4.84
CA MET D 54 1.35 -4.42 -4.10
C MET D 54 1.95 -4.54 -2.70
N PHE D 55 3.24 -4.21 -2.53
CA PHE D 55 3.81 -4.32 -1.20
C PHE D 55 3.36 -3.18 -0.30
N GLY D 56 3.06 -2.01 -0.88
CA GLY D 56 2.42 -0.96 -0.11
C GLY D 56 1.03 -1.35 0.35
N VAL D 57 0.27 -2.00 -0.53
CA VAL D 57 -1.04 -2.50 -0.14
C VAL D 57 -0.90 -3.49 1.00
N ARG D 58 0.06 -4.41 0.89
CA ARG D 58 0.30 -5.38 1.96
C ARG D 58 0.63 -4.67 3.27
N CYS D 59 1.53 -3.70 3.23
CA CYS D 59 1.98 -3.07 4.46
C CYS D 59 0.84 -2.29 5.12
N GLY D 60 0.07 -1.54 4.33
CA GLY D 60 -1.01 -0.78 4.92
C GLY D 60 -2.13 -1.65 5.45
N ALA D 61 -2.52 -2.67 4.68
CA ALA D 61 -3.58 -3.57 5.12
C ALA D 61 -3.17 -4.33 6.37
N ALA D 62 -1.95 -4.84 6.40
CA ALA D 62 -1.51 -5.62 7.56
C ALA D 62 -1.36 -4.73 8.78
N ALA D 63 -0.85 -3.51 8.61
CA ALA D 63 -0.68 -2.63 9.77
C ALA D 63 -2.02 -2.22 10.34
N LEU D 64 -2.99 -1.87 9.48
CA LEU D 64 -4.27 -1.44 10.02
C LEU D 64 -5.07 -2.62 10.54
N THR D 65 -4.90 -3.81 9.98
CA THR D 65 -5.54 -4.98 10.55
C THR D 65 -4.97 -5.32 11.92
N LEU D 66 -3.65 -5.15 12.09
CA LEU D 66 -3.04 -5.37 13.39
C LEU D 66 -3.57 -4.38 14.42
N ILE D 67 -3.69 -3.12 14.01
CA ILE D 67 -4.16 -2.08 14.91
C ILE D 67 -5.61 -2.36 15.31
N VAL D 68 -6.46 -2.66 14.31
CA VAL D 68 -7.87 -2.89 14.60
C VAL D 68 -8.04 -4.14 15.45
N MET D 69 -7.24 -5.17 15.19
CA MET D 69 -7.40 -6.47 15.88
C MET D 69 -7.07 -6.28 17.35
N TRP D 70 -6.24 -5.32 17.72
CA TRP D 70 -5.94 -5.03 19.14
C TRP D 70 -7.17 -4.33 19.70
N MET D 71 -7.54 -3.21 19.10
CA MET D 71 -8.65 -2.35 19.57
C MET D 71 -9.89 -3.17 19.90
N THR D 72 -10.14 -4.27 19.21
CA THR D 72 -11.41 -4.97 19.35
C THR D 72 -11.33 -6.41 19.84
N SER D 73 -10.20 -7.08 19.69
CA SER D 73 -10.14 -8.47 20.13
C SER D 73 -10.12 -8.54 21.65
N ARG D 74 -11.30 -8.81 22.23
CA ARG D 74 -11.44 -9.02 23.67
C ARG D 74 -10.79 -10.29 24.18
N SER D 75 -10.53 -11.28 23.33
CA SER D 75 -9.99 -12.56 23.76
C SER D 75 -8.48 -12.54 23.58
N ARG D 76 -7.81 -11.85 24.49
CA ARG D 76 -6.36 -11.79 24.54
C ARG D 76 -5.83 -13.01 25.28
N LYS D 77 -4.61 -13.40 24.95
CA LYS D 77 -3.90 -14.58 25.45
C LYS D 77 -4.36 -15.86 24.78
N THR D 78 -5.24 -15.78 23.78
CA THR D 78 -5.52 -16.95 22.97
C THR D 78 -4.33 -17.25 22.07
N PRO D 79 -3.98 -18.52 21.83
CA PRO D 79 -2.87 -18.80 20.90
C PRO D 79 -3.11 -18.27 19.50
N ILE D 80 -4.36 -18.29 19.02
CA ILE D 80 -4.59 -17.85 17.65
C ILE D 80 -4.43 -16.33 17.55
N PHE D 81 -4.75 -15.60 18.61
CA PHE D 81 -4.50 -14.16 18.60
C PHE D 81 -3.01 -13.85 18.58
N ILE D 82 -2.23 -14.57 19.38
CA ILE D 82 -0.80 -14.31 19.44
C ILE D 82 -0.15 -14.68 18.11
N ILE D 83 -0.63 -15.77 17.49
CA ILE D 83 -0.09 -16.15 16.20
C ILE D 83 -0.45 -15.11 15.15
N ASN D 84 -1.70 -14.64 15.18
CA ASN D 84 -2.14 -13.65 14.19
C ASN D 84 -1.32 -12.37 14.34
N GLN D 85 -0.96 -12.02 15.59
CA GLN D 85 -0.11 -10.84 15.77
C GLN D 85 1.28 -11.10 15.22
N VAL D 86 1.86 -12.29 15.50
CA VAL D 86 3.20 -12.58 15.01
C VAL D 86 3.22 -12.53 13.48
N SER D 87 2.12 -12.97 12.86
CA SER D 87 2.06 -13.02 11.40
C SER D 87 1.87 -11.63 10.81
N LEU D 88 1.06 -10.79 11.45
CA LEU D 88 0.88 -9.44 10.93
C LEU D 88 2.16 -8.61 11.13
N PHE D 89 2.86 -8.79 12.26
CA PHE D 89 4.12 -8.10 12.44
C PHE D 89 5.17 -8.58 11.47
N LEU D 90 5.14 -9.88 11.11
CA LEU D 90 6.10 -10.38 10.13
C LEU D 90 5.75 -9.94 8.72
N ILE D 91 4.47 -9.78 8.41
CA ILE D 91 4.10 -9.22 7.11
C ILE D 91 4.58 -7.77 7.02
N ILE D 92 4.40 -7.01 8.10
CA ILE D 92 4.83 -5.61 8.08
C ILE D 92 6.34 -5.52 7.95
N LEU D 93 7.08 -6.37 8.68
CA LEU D 93 8.53 -6.29 8.65
C LEU D 93 9.08 -6.78 7.30
N HIS D 94 8.45 -7.80 6.72
CA HIS D 94 8.83 -8.25 5.39
C HIS D 94 8.57 -7.17 4.35
N SER D 95 7.40 -6.53 4.43
CA SER D 95 7.10 -5.43 3.52
C SER D 95 8.09 -4.30 3.69
N ALA D 96 8.53 -4.04 4.92
CA ALA D 96 9.48 -2.95 5.16
C ALA D 96 10.84 -3.25 4.54
N LEU D 97 11.34 -4.48 4.73
CA LEU D 97 12.60 -4.85 4.12
C LEU D 97 12.48 -4.82 2.60
N TYR D 98 11.36 -5.31 2.07
CA TYR D 98 11.15 -5.26 0.64
C TYR D 98 11.11 -3.80 0.15
N PHE D 99 10.50 -2.91 0.93
CA PHE D 99 10.47 -1.50 0.57
C PHE D 99 11.86 -0.90 0.56
N LYS D 100 12.78 -1.48 1.32
CA LYS D 100 14.17 -1.07 1.17
C LYS D 100 14.78 -1.68 -0.08
N TYR D 101 14.38 -2.90 -0.42
CA TYR D 101 14.95 -3.58 -1.57
C TYR D 101 14.61 -2.84 -2.85
N LEU D 102 13.36 -2.39 -2.97
CA LEU D 102 12.94 -1.65 -4.16
C LEU D 102 13.65 -0.31 -4.28
N LEU D 103 14.16 0.23 -3.17
CA LEU D 103 14.89 1.49 -3.15
C LEU D 103 16.37 1.28 -2.86
N SER D 104 16.88 0.13 -3.28
CA SER D 104 18.28 -0.22 -2.99
C SER D 104 19.06 -0.28 -4.28
N ASN D 105 20.12 -1.06 -4.31
CA ASN D 105 21.00 -1.08 -5.50
C ASN D 105 20.83 -2.39 -6.23
N TYR D 106 19.92 -3.25 -5.79
CA TYR D 106 19.67 -4.49 -6.55
C TYR D 106 18.44 -4.32 -7.45
N SER D 107 17.41 -3.54 -7.05
CA SER D 107 16.27 -3.24 -7.90
C SER D 107 16.50 -2.04 -8.81
N SER D 108 17.59 -1.30 -8.62
CA SER D 108 17.88 -0.17 -9.46
C SER D 108 18.10 -0.62 -10.90
N VAL D 109 17.71 0.24 -11.84
CA VAL D 109 18.01 0.00 -13.25
C VAL D 109 19.50 0.11 -13.54
N THR D 110 20.28 0.67 -12.61
CA THR D 110 21.72 0.72 -12.75
C THR D 110 22.31 -0.69 -12.78
N TYR D 111 21.77 -1.59 -11.98
CA TYR D 111 22.23 -2.98 -11.96
C TYR D 111 21.46 -3.85 -12.95
N ALA D 112 20.19 -3.54 -13.19
CA ALA D 112 19.39 -4.33 -14.13
C ALA D 112 19.81 -4.07 -15.58
N LEU D 113 20.52 -2.98 -15.86
CA LEU D 113 21.06 -2.71 -17.19
C LEU D 113 22.56 -2.98 -17.27
N THR D 114 23.32 -2.52 -16.28
CA THR D 114 24.77 -2.73 -16.21
C THR D 114 25.04 -3.70 -15.07
N GLY D 115 25.33 -4.95 -15.41
CA GLY D 115 25.59 -5.96 -14.40
C GLY D 115 26.96 -5.81 -13.77
N PHE D 116 27.15 -4.72 -13.03
CA PHE D 116 28.43 -4.43 -12.40
C PHE D 116 28.39 -4.90 -10.94
N PRO D 117 29.14 -5.94 -10.54
CA PRO D 117 29.11 -6.34 -9.12
C PRO D 117 29.80 -5.37 -8.18
N GLN D 118 30.51 -4.36 -8.70
CA GLN D 118 31.15 -3.37 -7.82
C GLN D 118 30.12 -2.46 -7.17
N PHE D 119 29.01 -2.18 -7.86
CA PHE D 119 27.96 -1.33 -7.30
C PHE D 119 27.31 -1.95 -6.08
N ILE D 120 27.48 -3.24 -5.87
CA ILE D 120 26.80 -3.96 -4.82
C ILE D 120 27.49 -3.71 -3.49
N SER D 121 26.71 -3.34 -2.48
CA SER D 121 27.20 -3.20 -1.11
C SER D 121 26.78 -4.43 -0.31
N ARG D 122 27.68 -4.90 0.55
CA ARG D 122 27.44 -6.12 1.30
C ARG D 122 26.27 -5.98 2.27
N GLY D 123 25.94 -4.75 2.65
CA GLY D 123 24.75 -4.52 3.44
C GLY D 123 23.48 -4.89 2.69
N ASP D 124 23.46 -4.69 1.37
CA ASP D 124 22.31 -5.14 0.59
C ASP D 124 22.21 -6.66 0.59
N VAL D 125 23.34 -7.36 0.60
CA VAL D 125 23.31 -8.82 0.70
C VAL D 125 22.74 -9.23 2.05
N HIS D 126 23.13 -8.52 3.11
CA HIS D 126 22.57 -8.82 4.43
C HIS D 126 21.08 -8.52 4.49
N VAL D 127 20.63 -7.46 3.82
CA VAL D 127 19.20 -7.16 3.75
C VAL D 127 18.47 -8.28 3.01
N TYR D 128 19.06 -8.78 1.93
CA TYR D 128 18.48 -9.90 1.19
C TYR D 128 18.32 -11.12 2.10
N GLY D 129 19.37 -11.44 2.85
CA GLY D 129 19.29 -12.57 3.75
C GLY D 129 18.27 -12.37 4.86
N ALA D 130 18.21 -11.16 5.42
CA ALA D 130 17.23 -10.90 6.47
C ALA D 130 15.81 -11.03 5.93
N THR D 131 15.58 -10.58 4.70
CA THR D 131 14.26 -10.72 4.11
C THR D 131 13.91 -12.18 3.91
N ASN D 132 14.89 -13.00 3.50
CA ASN D 132 14.59 -14.42 3.29
C ASN D 132 14.28 -15.12 4.60
N ILE D 133 15.02 -14.80 5.67
CA ILE D 133 14.75 -15.38 6.98
C ILE D 133 13.37 -14.95 7.49
N ILE D 134 13.02 -13.67 7.30
CA ILE D 134 11.73 -13.19 7.76
C ILE D 134 10.61 -13.85 6.97
N GLN D 135 10.83 -14.15 5.69
CA GLN D 135 9.82 -14.87 4.93
C GLN D 135 9.66 -16.28 5.46
N VAL D 136 10.77 -16.92 5.85
CA VAL D 136 10.68 -18.27 6.40
C VAL D 136 9.88 -18.24 7.70
N LEU D 137 10.14 -17.25 8.55
CA LEU D 137 9.37 -17.12 9.79
C LEU D 137 7.91 -16.79 9.52
N LEU D 138 7.62 -16.05 8.45
CA LEU D 138 6.24 -15.73 8.11
C LEU D 138 5.47 -16.98 7.71
N VAL D 139 6.09 -17.80 6.87
CA VAL D 139 5.43 -19.05 6.47
C VAL D 139 5.25 -19.96 7.67
N ALA D 140 6.24 -19.94 8.58
CA ALA D 140 6.12 -20.74 9.80
C ALA D 140 4.95 -20.27 10.65
N SER D 141 4.77 -18.96 10.77
CA SER D 141 3.66 -18.44 11.57
C SER D 141 2.32 -18.73 10.92
N ILE D 142 2.24 -18.65 9.59
CA ILE D 142 0.98 -18.92 8.91
C ILE D 142 0.59 -20.38 9.09
N GLU D 143 1.56 -21.28 8.90
CA GLU D 143 1.26 -22.70 9.07
C GLU D 143 1.01 -23.05 10.53
N THR D 144 1.66 -22.35 11.46
CA THR D 144 1.32 -22.56 12.87
C THR D 144 -0.14 -22.19 13.12
N SER D 145 -0.59 -21.08 12.54
CA SER D 145 -1.99 -20.70 12.70
C SER D 145 -2.91 -21.76 12.12
N LEU D 146 -2.54 -22.29 10.95
CA LEU D 146 -3.45 -23.21 10.28
C LEU D 146 -3.51 -24.55 11.00
N VAL D 147 -2.36 -25.04 11.42
CA VAL D 147 -2.32 -26.29 12.18
C VAL D 147 -3.07 -26.03 13.50
N PHE D 148 -3.14 -24.78 13.99
CA PHE D 148 -3.84 -24.41 15.25
C PHE D 148 -5.30 -24.12 14.98
N GLN D 149 -5.68 -23.94 13.72
CA GLN D 149 -7.08 -23.70 13.36
C GLN D 149 -7.72 -25.05 13.07
N ILE D 150 -6.96 -26.09 12.65
CA ILE D 150 -7.56 -27.36 12.31
C ILE D 150 -7.55 -28.22 13.56
N LYS D 151 -6.48 -28.12 14.36
CA LYS D 151 -6.43 -28.81 15.64
C LYS D 151 -7.58 -28.37 16.54
N VAL D 152 -7.83 -27.06 16.63
CA VAL D 152 -8.85 -26.58 17.56
C VAL D 152 -10.26 -26.85 17.01
N ILE D 153 -10.48 -26.69 15.70
CA ILE D 153 -11.80 -26.90 15.14
C ILE D 153 -12.17 -28.37 15.08
N PHE D 154 -11.18 -29.26 15.01
CA PHE D 154 -11.45 -30.70 15.03
C PHE D 154 -11.65 -31.26 16.44
N THR D 155 -11.54 -30.43 17.47
CA THR D 155 -11.81 -30.84 18.85
C THR D 155 -13.30 -30.68 19.12
N GLY D 156 -13.95 -31.78 19.50
CA GLY D 156 -15.38 -31.80 19.77
C GLY D 156 -16.19 -32.56 18.74
N ASP D 157 -15.61 -32.91 17.59
CA ASP D 157 -16.31 -33.67 16.57
C ASP D 157 -16.28 -35.15 16.95
N ASN D 158 -17.47 -35.78 16.94
CA ASN D 158 -17.55 -37.20 17.23
C ASN D 158 -16.69 -38.02 16.28
N PHE D 159 -16.66 -37.66 15.01
CA PHE D 159 -15.83 -38.33 14.01
C PHE D 159 -14.39 -37.80 14.13
N LYS D 160 -13.75 -38.16 15.24
CA LYS D 160 -12.39 -37.70 15.51
C LYS D 160 -11.34 -38.49 14.75
N ARG D 161 -11.69 -39.69 14.25
CA ARG D 161 -10.80 -40.43 13.36
C ARG D 161 -10.37 -39.58 12.18
N ILE D 162 -11.34 -39.06 11.42
CA ILE D 162 -10.99 -38.28 10.24
C ILE D 162 -10.44 -36.91 10.63
N GLY D 163 -10.87 -36.38 11.78
CA GLY D 163 -10.30 -35.13 12.25
C GLY D 163 -8.81 -35.22 12.52
N LEU D 164 -8.38 -36.32 13.15
CA LEU D 164 -6.96 -36.49 13.42
C LEU D 164 -6.20 -36.69 12.11
N MET D 165 -6.79 -37.44 11.17
CA MET D 165 -6.21 -37.59 9.84
C MET D 165 -5.98 -36.23 9.19
N LEU D 166 -6.99 -35.35 9.26
CA LEU D 166 -6.88 -34.05 8.61
C LEU D 166 -5.81 -33.20 9.27
N THR D 167 -5.78 -33.17 10.61
CA THR D 167 -4.72 -32.47 11.32
C THR D 167 -3.36 -32.96 10.85
N SER D 168 -3.19 -34.29 10.79
CA SER D 168 -1.90 -34.87 10.44
C SER D 168 -1.46 -34.44 9.05
N ILE D 169 -2.34 -34.58 8.04
CA ILE D 169 -1.96 -34.19 6.68
C ILE D 169 -1.60 -32.70 6.66
N SER D 170 -2.43 -31.85 7.26
CA SER D 170 -2.16 -30.42 7.26
C SER D 170 -0.81 -30.11 7.89
N PHE D 171 -0.49 -30.78 9.00
CA PHE D 171 0.76 -30.54 9.70
C PHE D 171 1.94 -31.04 8.89
N THR D 172 1.75 -32.13 8.15
CA THR D 172 2.78 -32.61 7.23
C THR D 172 3.04 -31.58 6.14
N LEU D 173 1.97 -31.03 5.57
CA LEU D 173 2.12 -30.00 4.54
C LEU D 173 2.81 -28.77 5.09
N GLY D 174 2.48 -28.41 6.34
CA GLY D 174 3.09 -27.23 6.95
C GLY D 174 4.58 -27.41 7.12
N ILE D 175 4.99 -28.56 7.64
CA ILE D 175 6.41 -28.84 7.81
C ILE D 175 7.10 -28.92 6.46
N ALA D 176 6.43 -29.50 5.45
CA ALA D 176 7.05 -29.60 4.14
C ALA D 176 7.28 -28.23 3.52
N THR D 177 6.31 -27.32 3.63
CA THR D 177 6.50 -25.99 3.06
C THR D 177 7.53 -25.19 3.84
N VAL D 178 7.53 -25.30 5.18
CA VAL D 178 8.52 -24.54 5.95
C VAL D 178 9.93 -25.06 5.64
N THR D 179 10.08 -26.38 5.53
CA THR D 179 11.40 -26.93 5.23
C THR D 179 11.83 -26.57 3.81
N MET D 180 10.89 -26.54 2.87
CA MET D 180 11.24 -26.18 1.50
C MET D 180 11.59 -24.70 1.39
N TYR D 181 10.90 -23.85 2.16
CA TYR D 181 11.26 -22.44 2.17
C TYR D 181 12.64 -22.23 2.78
N PHE D 182 12.97 -22.98 3.84
CA PHE D 182 14.28 -22.85 4.44
C PHE D 182 15.38 -23.37 3.53
N VAL D 183 15.11 -24.47 2.82
CA VAL D 183 16.07 -25.02 1.87
C VAL D 183 16.28 -24.03 0.72
N SER D 184 15.20 -23.46 0.20
CA SER D 184 15.32 -22.46 -0.86
C SER D 184 16.11 -21.25 -0.37
N ALA D 185 15.86 -20.84 0.88
CA ALA D 185 16.55 -19.69 1.43
C ALA D 185 18.04 -19.95 1.50
N VAL D 186 18.45 -21.09 2.05
CA VAL D 186 19.88 -21.32 2.22
C VAL D 186 20.56 -21.54 0.87
N LYS D 187 19.84 -22.20 -0.07
CA LYS D 187 20.41 -22.41 -1.39
C LYS D 187 20.51 -21.11 -2.17
N GLY D 188 19.71 -20.10 -1.81
CA GLY D 188 19.88 -18.79 -2.42
C GLY D 188 20.96 -17.98 -1.72
N MET D 189 21.12 -18.19 -0.41
CA MET D 189 22.10 -17.44 0.37
C MET D 189 23.52 -17.83 -0.01
N ILE D 190 23.78 -19.13 -0.18
CA ILE D 190 25.16 -19.53 -0.47
C ILE D 190 25.55 -19.00 -1.84
N VAL D 191 24.61 -18.98 -2.79
CA VAL D 191 24.92 -18.50 -4.13
C VAL D 191 25.09 -16.98 -4.13
N THR D 192 24.20 -16.25 -3.45
CA THR D 192 24.33 -14.80 -3.41
C THR D 192 25.59 -14.37 -2.70
N TYR D 193 25.90 -14.99 -1.56
CA TYR D 193 27.13 -14.65 -0.84
C TYR D 193 28.35 -14.97 -1.69
N ASN D 194 28.32 -16.11 -2.40
CA ASN D 194 29.45 -16.47 -3.26
C ASN D 194 29.53 -15.54 -4.46
N ASP D 195 28.47 -15.50 -5.27
CA ASP D 195 28.39 -14.65 -6.46
C ASP D 195 27.14 -13.79 -6.37
N VAL D 196 27.31 -12.46 -6.43
CA VAL D 196 26.19 -11.54 -6.30
C VAL D 196 25.31 -11.49 -7.55
N SER D 197 25.77 -12.07 -8.66
CA SER D 197 25.08 -11.98 -9.95
C SER D 197 24.43 -13.30 -10.35
N ALA D 198 23.98 -14.08 -9.37
CA ALA D 198 23.35 -15.37 -9.62
C ALA D 198 22.20 -15.56 -8.63
N THR D 199 21.31 -16.49 -8.98
CA THR D 199 20.13 -16.77 -8.16
C THR D 199 19.80 -18.25 -8.24
N GLN D 200 19.06 -18.72 -7.23
CA GLN D 200 18.58 -20.11 -7.15
C GLN D 200 17.08 -20.05 -6.87
N ASP D 201 16.30 -19.95 -7.94
CA ASP D 201 14.84 -19.91 -7.85
C ASP D 201 14.19 -21.27 -8.12
N LYS D 202 14.99 -22.33 -8.27
CA LYS D 202 14.43 -23.64 -8.59
C LYS D 202 13.49 -24.13 -7.49
N TYR D 203 13.90 -23.96 -6.23
CA TYR D 203 13.10 -24.41 -5.10
C TYR D 203 12.01 -23.41 -4.72
N PHE D 204 12.13 -22.16 -5.17
CA PHE D 204 11.08 -21.16 -4.95
C PHE D 204 9.72 -21.62 -5.44
N ASN D 205 9.63 -21.91 -6.74
CA ASN D 205 8.36 -22.32 -7.34
C ASN D 205 7.74 -23.47 -6.57
N ALA D 206 8.56 -24.43 -6.14
CA ALA D 206 8.05 -25.57 -5.40
C ALA D 206 7.50 -25.15 -4.04
N SER D 207 8.21 -24.28 -3.33
CA SER D 207 7.73 -23.88 -2.02
C SER D 207 6.46 -23.03 -2.09
N THR D 208 6.34 -22.18 -3.12
CA THR D 208 5.12 -21.38 -3.25
C THR D 208 3.94 -22.27 -3.61
N ILE D 209 4.14 -23.25 -4.50
CA ILE D 209 3.02 -24.14 -4.80
C ILE D 209 2.66 -24.97 -3.58
N LEU D 210 3.64 -25.34 -2.75
CA LEU D 210 3.33 -26.05 -1.52
C LEU D 210 2.47 -25.21 -0.59
N LEU D 211 2.80 -23.92 -0.46
CA LEU D 211 2.00 -23.04 0.39
C LEU D 211 0.60 -22.84 -0.18
N ALA D 212 0.49 -22.68 -1.49
CA ALA D 212 -0.81 -22.51 -2.11
C ALA D 212 -1.66 -23.76 -1.95
N SER D 213 -1.04 -24.93 -2.06
CA SER D 213 -1.80 -26.17 -1.89
C SER D 213 -2.21 -26.36 -0.44
N SER D 214 -1.40 -25.90 0.50
CA SER D 214 -1.82 -25.95 1.91
C SER D 214 -3.04 -25.07 2.14
N ILE D 215 -2.99 -23.82 1.67
CA ILE D 215 -4.13 -22.91 1.80
C ILE D 215 -5.36 -23.50 1.13
N ASN D 216 -5.19 -24.07 -0.07
CA ASN D 216 -6.30 -24.71 -0.76
C ASN D 216 -6.87 -25.85 0.06
N PHE D 217 -6.00 -26.64 0.70
CA PHE D 217 -6.46 -27.75 1.53
C PHE D 217 -7.28 -27.24 2.70
N MET D 218 -6.81 -26.18 3.34
CA MET D 218 -7.53 -25.60 4.47
C MET D 218 -8.90 -25.11 4.05
N SER D 219 -8.97 -24.39 2.94
CA SER D 219 -10.27 -23.88 2.52
C SER D 219 -11.22 -24.99 2.13
N PHE D 220 -10.64 -26.09 1.62
CA PHE D 220 -11.50 -27.26 1.35
C PHE D 220 -12.06 -27.75 2.68
N VAL D 221 -11.18 -28.09 3.63
CA VAL D 221 -11.66 -28.67 4.91
C VAL D 221 -12.70 -27.74 5.55
N LEU D 222 -12.37 -26.47 5.71
CA LEU D 222 -13.28 -25.57 6.43
C LEU D 222 -14.59 -25.42 5.66
N VAL D 223 -14.58 -25.56 4.34
CA VAL D 223 -15.85 -25.34 3.66
C VAL D 223 -16.67 -26.62 3.69
N VAL D 224 -16.03 -27.77 3.46
CA VAL D 224 -16.69 -29.06 3.56
C VAL D 224 -17.37 -29.21 4.93
N LYS D 225 -16.57 -29.03 5.99
CA LYS D 225 -17.09 -29.21 7.35
C LYS D 225 -18.26 -28.26 7.61
N LEU D 226 -18.08 -26.97 7.34
CA LEU D 226 -19.14 -26.00 7.57
C LEU D 226 -20.36 -26.26 6.68
N ILE D 227 -20.16 -26.93 5.55
CA ILE D 227 -21.29 -27.28 4.70
C ILE D 227 -22.10 -28.40 5.33
N LEU D 228 -21.43 -29.46 5.80
CA LEU D 228 -22.17 -30.49 6.51
C LEU D 228 -22.76 -29.96 7.82
N ALA D 229 -22.18 -28.90 8.38
CA ALA D 229 -22.61 -28.36 9.66
C ALA D 229 -23.71 -27.30 9.51
N ILE D 230 -24.01 -26.91 8.28
CA ILE D 230 -25.21 -26.14 7.99
C ILE D 230 -26.26 -26.97 7.26
N ARG D 231 -25.87 -28.12 6.68
CA ARG D 231 -26.85 -29.07 6.18
C ARG D 231 -27.50 -29.84 7.32
N SER D 232 -26.74 -30.14 8.37
CA SER D 232 -27.34 -30.72 9.57
C SER D 232 -28.23 -29.71 10.28
N ARG D 233 -27.93 -28.41 10.12
CA ARG D 233 -28.74 -27.36 10.72
C ARG D 233 -29.86 -26.88 9.81
N ARG D 234 -29.92 -27.36 8.56
CA ARG D 234 -31.02 -27.07 7.65
C ARG D 234 -32.06 -28.17 7.63
N PHE D 235 -31.66 -29.42 7.85
CA PHE D 235 -32.63 -30.50 7.98
C PHE D 235 -33.36 -30.42 9.32
N LEU D 236 -32.68 -29.78 10.29
CA LEU D 236 -33.28 -29.53 11.63
C LEU D 236 -32.85 -28.11 11.98
N GLY D 237 -33.78 -27.15 11.95
CA GLY D 237 -33.39 -25.73 12.13
C GLY D 237 -33.18 -25.08 10.77
N LEU D 238 -32.47 -23.95 10.68
CA LEU D 238 -32.32 -23.23 9.38
C LEU D 238 -30.98 -22.50 9.32
N LYS D 239 -30.42 -22.30 8.12
CA LYS D 239 -29.09 -21.67 8.03
C LYS D 239 -29.14 -20.64 6.91
N GLN D 240 -29.46 -19.40 7.28
CA GLN D 240 -29.55 -18.31 6.30
C GLN D 240 -28.80 -17.07 6.76
N PHE D 241 -28.66 -16.83 8.08
CA PHE D 241 -28.02 -15.53 8.45
C PHE D 241 -27.24 -15.50 9.77
N ASP D 242 -27.02 -16.64 10.44
CA ASP D 242 -26.35 -16.63 11.78
C ASP D 242 -24.84 -16.39 11.63
N SER D 243 -24.11 -16.19 12.72
CA SER D 243 -22.63 -16.08 12.62
C SER D 243 -22.12 -17.25 11.80
N PHE D 244 -22.85 -18.37 11.81
CA PHE D 244 -22.51 -19.55 11.00
C PHE D 244 -22.31 -19.00 9.60
N HIS D 245 -23.21 -18.10 9.20
CA HIS D 245 -23.12 -17.53 7.84
C HIS D 245 -21.83 -16.72 7.68
N ILE D 246 -21.24 -16.22 8.77
CA ILE D 246 -20.08 -15.34 8.52
C ILE D 246 -18.85 -16.20 8.28
N LEU D 247 -18.65 -17.22 9.12
CA LEU D 247 -17.55 -18.15 8.90
C LEU D 247 -17.64 -18.80 7.52
N LEU D 248 -18.84 -19.27 7.13
CA LEU D 248 -18.98 -19.89 5.80
C LEU D 248 -18.63 -18.91 4.69
N ILE D 249 -18.94 -17.63 4.86
CA ILE D 249 -18.65 -16.66 3.82
C ILE D 249 -17.15 -16.42 3.72
N MET D 250 -16.50 -16.25 4.87
CA MET D 250 -15.05 -16.04 4.84
C MET D 250 -14.30 -17.28 4.38
N SER D 251 -14.81 -18.47 4.66
CA SER D 251 -14.13 -19.67 4.18
C SER D 251 -14.37 -19.89 2.69
N CYS D 252 -15.51 -19.46 2.15
CA CYS D 252 -15.67 -19.52 0.70
C CYS D 252 -14.85 -18.44 0.01
N GLN D 253 -14.66 -17.29 0.66
CA GLN D 253 -13.75 -16.29 0.12
C GLN D 253 -12.32 -16.81 0.13
N SER D 254 -11.89 -17.43 1.22
CA SER D 254 -10.55 -18.00 1.27
C SER D 254 -10.42 -19.13 0.26
N LEU D 255 -11.52 -19.79 -0.07
CA LEU D 255 -11.48 -20.85 -1.08
C LEU D 255 -11.27 -20.26 -2.47
N LEU D 256 -11.97 -19.18 -2.80
CA LEU D 256 -12.02 -18.72 -4.18
C LEU D 256 -11.04 -17.60 -4.52
N VAL D 257 -10.79 -16.61 -3.66
CA VAL D 257 -9.97 -15.49 -4.11
C VAL D 257 -8.48 -15.82 -4.11
N PRO D 258 -7.86 -16.45 -3.08
CA PRO D 258 -6.41 -16.67 -3.19
C PRO D 258 -6.03 -17.66 -4.28
N SER D 259 -6.88 -18.64 -4.58
CA SER D 259 -6.59 -19.55 -5.68
C SER D 259 -6.68 -18.82 -7.02
N ILE D 260 -7.66 -17.92 -7.14
CA ILE D 260 -7.79 -17.13 -8.35
C ILE D 260 -6.57 -16.24 -8.53
N ILE D 261 -6.09 -15.67 -7.43
CA ILE D 261 -4.93 -14.79 -7.51
C ILE D 261 -3.66 -15.59 -7.79
N PHE D 262 -3.57 -16.83 -7.28
CA PHE D 262 -2.41 -17.65 -7.59
C PHE D 262 -2.36 -18.02 -9.07
N ILE D 263 -3.50 -18.44 -9.63
CA ILE D 263 -3.52 -18.75 -11.06
C ILE D 263 -3.30 -17.50 -11.89
N LEU D 264 -3.79 -16.34 -11.42
CA LEU D 264 -3.56 -15.10 -12.17
C LEU D 264 -2.08 -14.74 -12.15
N ALA D 265 -1.42 -14.93 -11.02
CA ALA D 265 0.02 -14.70 -10.94
C ALA D 265 0.78 -15.68 -11.82
N TYR D 266 0.30 -16.89 -12.03
CA TYR D 266 1.06 -17.88 -12.82
C TYR D 266 0.69 -17.74 -14.30
N SER D 267 -0.40 -17.05 -14.68
CA SER D 267 -0.87 -17.03 -16.07
C SER D 267 -0.47 -15.78 -16.84
N LEU D 268 -0.41 -14.63 -16.19
CA LEU D 268 -0.22 -13.37 -16.90
C LEU D 268 1.17 -13.30 -17.51
N LYS D 269 1.42 -12.22 -18.26
CA LYS D 269 2.67 -12.09 -19.00
C LYS D 269 3.85 -11.98 -18.02
N PRO D 270 4.98 -12.61 -18.31
CA PRO D 270 6.13 -12.50 -17.39
C PRO D 270 6.85 -11.17 -17.56
N ASN D 271 7.73 -10.89 -16.60
CA ASN D 271 8.61 -9.73 -16.56
C ASN D 271 7.86 -8.41 -16.44
N GLN D 272 6.57 -8.44 -16.11
CA GLN D 272 5.75 -7.25 -15.93
C GLN D 272 5.59 -6.85 -14.47
N GLY D 273 6.28 -7.54 -13.55
CA GLY D 273 6.16 -7.24 -12.13
C GLY D 273 4.90 -7.73 -11.49
N THR D 274 4.05 -8.46 -12.20
CA THR D 274 2.81 -9.00 -11.65
C THR D 274 3.03 -10.31 -10.90
N ASP D 275 4.25 -10.84 -10.89
CA ASP D 275 4.51 -12.14 -10.28
C ASP D 275 4.40 -12.12 -8.75
N VAL D 276 4.34 -10.94 -8.13
CA VAL D 276 4.23 -10.85 -6.67
C VAL D 276 2.77 -10.83 -6.23
N LEU D 277 1.84 -11.18 -7.13
CA LEU D 277 0.45 -11.35 -6.72
C LEU D 277 0.26 -12.54 -5.78
N THR D 278 1.20 -13.49 -5.77
CA THR D 278 1.15 -14.56 -4.78
C THR D 278 1.21 -14.01 -3.37
N THR D 279 1.81 -12.84 -3.19
CA THR D 279 1.86 -12.22 -1.87
C THR D 279 0.55 -11.56 -1.52
N VAL D 280 -0.25 -11.18 -2.52
CA VAL D 280 -1.60 -10.71 -2.22
C VAL D 280 -2.49 -11.89 -1.89
N ALA D 281 -2.24 -13.04 -2.53
CA ALA D 281 -2.99 -14.24 -2.17
C ALA D 281 -2.69 -14.67 -0.75
N THR D 282 -1.41 -14.66 -0.36
CA THR D 282 -1.08 -14.96 1.04
C THR D 282 -1.60 -13.88 1.99
N LEU D 283 -1.64 -12.63 1.54
CA LEU D 283 -2.19 -11.56 2.37
C LEU D 283 -3.66 -11.83 2.68
N LEU D 284 -4.43 -12.21 1.67
CA LEU D 284 -5.85 -12.47 1.90
C LEU D 284 -6.08 -13.75 2.69
N ALA D 285 -5.22 -14.76 2.48
CA ALA D 285 -5.33 -15.97 3.28
C ALA D 285 -5.02 -15.70 4.74
N VAL D 286 -4.13 -14.74 5.02
CA VAL D 286 -3.89 -14.32 6.40
C VAL D 286 -5.09 -13.52 6.91
N LEU D 287 -5.53 -12.51 6.16
CA LEU D 287 -6.56 -11.59 6.63
C LEU D 287 -7.95 -12.20 6.66
N SER D 288 -8.13 -13.43 6.21
CA SER D 288 -9.45 -14.05 6.35
C SER D 288 -9.79 -14.29 7.82
N LEU D 289 -8.82 -14.72 8.62
CA LEU D 289 -9.08 -15.16 9.99
C LEU D 289 -9.29 -14.01 10.98
N PRO D 290 -8.48 -12.93 10.96
CA PRO D 290 -8.77 -11.85 11.91
C PRO D 290 -10.07 -11.15 11.59
N LEU D 291 -10.32 -10.94 10.29
CA LEU D 291 -11.60 -10.34 9.89
C LEU D 291 -12.76 -11.29 10.21
N SER D 292 -12.52 -12.59 10.14
CA SER D 292 -13.54 -13.55 10.55
C SER D 292 -13.83 -13.44 12.03
N SER D 293 -12.78 -13.23 12.83
CA SER D 293 -12.96 -13.08 14.27
C SER D 293 -13.72 -11.79 14.59
N MET D 294 -13.39 -10.71 13.88
CA MET D 294 -14.08 -9.45 14.10
C MET D 294 -15.57 -9.57 13.77
N TRP D 295 -15.89 -10.13 12.59
CA TRP D 295 -17.30 -10.30 12.24
C TRP D 295 -17.99 -11.24 13.23
N ALA D 296 -17.29 -12.29 13.66
CA ALA D 296 -17.92 -13.25 14.57
C ALA D 296 -18.24 -12.59 15.91
N THR D 297 -17.33 -11.76 16.42
CA THR D 297 -17.60 -11.08 17.68
C THR D 297 -18.68 -10.01 17.50
N ALA D 298 -18.72 -9.36 16.33
CA ALA D 298 -19.67 -8.29 16.09
C ALA D 298 -21.01 -8.80 15.59
N ALA D 299 -21.16 -10.12 15.44
CA ALA D 299 -22.46 -10.76 15.28
C ALA D 299 -22.87 -11.59 16.48
N ASN D 300 -21.92 -11.95 17.36
CA ASN D 300 -22.25 -12.59 18.61
C ASN D 300 -22.67 -11.59 19.68
N ASN D 301 -22.13 -10.37 19.63
CA ASN D 301 -22.41 -9.39 20.69
C ASN D 301 -23.89 -9.04 20.75
N ALA D 302 -24.53 -8.85 19.61
CA ALA D 302 -25.96 -8.56 19.58
C ALA D 302 -26.77 -9.77 19.98
C1 NAG E . 28.08 9.87 -25.35
C2 NAG E . 29.26 9.04 -25.83
C3 NAG E . 30.57 9.74 -25.67
C4 NAG E . 30.54 11.13 -26.23
C5 NAG E . 29.39 11.95 -25.65
C6 NAG E . 29.38 13.29 -26.31
C7 NAG E . 29.61 6.50 -25.64
C8 NAG E . 29.63 5.24 -24.79
N2 NAG E . 29.29 7.78 -25.02
O3 NAG E . 31.59 8.98 -26.37
O4 NAG E . 31.79 11.77 -25.96
O5 NAG E . 28.11 11.29 -25.87
O6 NAG E . 28.69 13.18 -27.53
O7 NAG E . 29.85 6.45 -26.80
C1 NAG F . 23.06 13.54 -33.76
C2 NAG F . 22.89 14.13 -35.16
C3 NAG F . 23.02 13.10 -36.22
C4 NAG F . 24.31 12.35 -36.11
C5 NAG F . 24.51 11.76 -34.71
C6 NAG F . 25.89 11.19 -34.62
C7 NAG F . 21.44 16.11 -35.82
C8 NAG F . 20.07 16.79 -35.92
N2 NAG F . 21.56 14.78 -35.27
O3 NAG F . 22.96 13.75 -37.52
O4 NAG F . 24.32 11.30 -37.07
O5 NAG F . 24.34 12.76 -33.64
O6 NAG F . 26.64 11.65 -35.71
O7 NAG F . 22.41 16.69 -36.18
CAA Y01 G . -13.22 -3.56 -1.83
CBA Y01 G . -12.57 -2.27 -2.32
CAB Y01 G . -13.61 -1.18 -2.49
CAN Y01 G . -11.79 -2.52 -3.63
CAJ Y01 G . -10.56 -3.38 -3.51
CAO Y01 G . -9.88 -3.66 -4.85
CBB Y01 G . -9.49 -2.41 -5.67
CAC Y01 G . -8.63 -1.46 -4.84
CBE Y01 G . -8.80 -2.84 -6.99
CAP Y01 G . -9.74 -3.73 -7.87
CAQ Y01 G . -9.45 -3.38 -9.34
CBG Y01 G . -8.14 -2.61 -9.27
CBI Y01 G . -8.27 -1.75 -7.99
CAE Y01 G . -9.31 -0.62 -8.13
CAU Y01 G . -6.88 -1.19 -7.71
CAS Y01 G . -6.35 -0.37 -8.89
CBF Y01 G . -6.33 -1.15 -10.22
CBD Y01 G . -7.67 -1.85 -10.51
CAK Y01 G . -7.52 -2.80 -11.69
CAI Y01 G . -6.67 -2.24 -12.79
CAZ Y01 G . -5.96 -1.13 -12.72
CAV Y01 G . -5.22 -0.60 -13.93
CBH Y01 G . -5.82 -0.31 -11.43
CAD Y01 G . -6.61 1.00 -11.60
CAT Y01 G . -4.32 0.01 -11.22
CAR Y01 G . -3.62 0.58 -12.46
CBC Y01 G . -3.76 -0.36 -13.64
OAW Y01 G . -3.13 0.26 -14.79
CAY Y01 G . -2.86 -0.51 -15.86
OAG Y01 G . -3.25 -1.64 -15.97
CAM Y01 G . -2.01 0.20 -16.86
CAL Y01 G . -2.66 1.41 -17.51
CAX Y01 G . -1.75 2.15 -18.49
OAH Y01 G . -1.56 3.38 -18.30
OAF Y01 G . -1.23 1.51 -19.42
CAA Y01 H . -1.35 4.33 7.65
CBA Y01 H . -0.32 3.23 7.57
CAB Y01 H . -0.98 1.87 7.72
CAN Y01 H . 0.80 3.42 8.60
CAJ Y01 H . 1.77 4.55 8.31
CAO Y01 H . 2.84 4.17 7.31
CBB Y01 H . 3.60 5.34 6.65
CAC Y01 H . 3.86 6.45 7.67
CBE Y01 H . 4.90 4.82 5.98
CAP Y01 H . 4.59 3.69 4.95
CAQ Y01 H . 5.51 3.90 3.75
CBG Y01 H . 6.59 4.84 4.28
CBI Y01 H . 5.81 5.83 5.18
CAE Y01 H . 4.93 6.80 4.37
CAU Y01 H . 6.88 6.58 5.98
CAS Y01 H . 7.87 7.30 5.07
CBF Y01 H . 8.56 6.37 4.05
CBD Y01 H . 7.55 5.48 3.29
CAK Y01 H . 8.30 4.42 2.50
CAI Y01 H . 9.54 4.94 1.84
CAZ Y01 H . 10.05 6.15 2.02
CAV Y01 H . 11.23 6.63 1.19
CBH Y01 H . 9.53 7.12 3.08
CAD Y01 H . 8.83 8.29 2.35
CAT Y01 H . 10.73 7.66 3.88
CAR Y01 H . 11.89 8.18 3.01
CBC Y01 H . 12.37 7.12 2.06
OAW Y01 H . 13.39 7.72 1.20
CAY Y01 H . 14.04 6.93 0.35
OAG Y01 H . 14.00 5.73 0.38
CAM Y01 H . 14.82 7.71 -0.67
CAL Y01 H . 16.28 7.32 -0.79
CAX Y01 H . 17.02 8.01 -1.92
OAH Y01 H . 17.51 7.31 -2.83
OAF Y01 H . 17.11 9.26 -1.90
CAA Y01 I . -2.20 4.49 14.73
CBA Y01 I . -0.80 4.91 15.14
CAB Y01 I . -0.86 6.04 16.15
CAN Y01 I . 0.03 5.30 13.91
CAJ Y01 I . 1.49 5.64 14.19
CAO Y01 I . 2.29 5.90 12.93
CBB Y01 I . 3.64 6.60 13.15
CAC Y01 I . 4.60 5.67 13.91
CBE Y01 I . 4.22 7.08 11.79
CAP Y01 I . 3.33 8.16 11.12
CAQ Y01 I . 4.27 9.09 10.33
CBG Y01 I . 5.59 8.35 10.33
CBI Y01 I . 5.66 7.70 11.73
CAE Y01 I . 5.83 8.74 12.86
CAU Y01 I . 6.83 6.72 11.70
CAS Y01 I . 8.14 7.41 11.30
CBF Y01 I . 8.05 8.14 9.95
CBD Y01 I . 6.85 9.10 9.90
CAK Y01 I . 6.67 9.65 8.49
CAI Y01 I . 7.96 9.90 7.77
CAZ Y01 I . 9.17 9.60 8.23
CAV Y01 I . 10.40 10.00 7.45
CBH Y01 I . 9.38 8.82 9.52
CAD Y01 I . 9.90 9.81 10.58
CAT Y01 I . 10.45 7.72 9.27
CAR Y01 I . 11.69 8.20 8.50
CBC Y01 I . 11.29 8.81 7.20
OAW Y01 I . 12.44 9.20 6.37
CAY Y01 I . 13.30 10.12 6.83
OAG Y01 I . 13.27 10.60 7.92
CAM Y01 I . 14.31 10.51 5.79
CAL Y01 I . 15.76 10.28 6.18
CAX Y01 I . 16.77 10.69 5.12
OAH Y01 I . 17.54 9.80 4.66
OAF Y01 I . 16.80 11.87 4.74
CAA Y01 J . -13.83 0.24 -5.73
CBA Y01 J . -13.09 1.50 -6.16
CAB Y01 J . -14.05 2.67 -6.26
CAN Y01 J . -12.33 1.29 -7.48
CAJ Y01 J . -13.20 1.00 -8.70
CAO Y01 J . -12.40 0.61 -9.93
CBB Y01 J . -12.20 1.72 -10.98
CAC Y01 J . -11.66 2.98 -10.30
CBE Y01 J . -11.30 1.25 -12.15
CAP Y01 J . -11.56 -0.23 -12.57
CAQ Y01 J . -11.10 -0.37 -14.03
CBG Y01 J . -10.52 1.00 -14.39
CBI Y01 J . -11.32 2.00 -13.53
CAE Y01 J . -12.78 2.18 -14.00
CAU Y01 J . -10.56 3.32 -13.60
CAS Y01 J . -10.39 3.81 -15.05
CBF Y01 J . -9.76 2.76 -15.99
CBD Y01 J . -10.41 1.37 -15.86
CAK Y01 J . -9.58 0.34 -16.61
CAI Y01 J . -9.06 0.85 -17.92
CAZ Y01 J . -9.16 2.10 -18.35
CAV Y01 J . -8.74 2.47 -19.76
CBH Y01 J . -9.68 3.24 -17.48
CAD Y01 J . -11.05 3.67 -18.02
CAT Y01 J . -8.68 4.41 -17.58
CAR Y01 J . -8.31 4.79 -19.02
CBC Y01 J . -7.75 3.61 -19.76
OAW Y01 J . -7.48 3.96 -21.16
CAY Y01 J . -6.52 4.84 -21.42
OAG Y01 J . -6.73 5.99 -21.69
CAM Y01 J . -5.16 4.20 -21.38
CAL Y01 J . -4.97 3.05 -22.34
CAX Y01 J . -3.57 2.47 -22.37
OAH Y01 J . -3.11 2.00 -21.30
OAF Y01 J . -2.93 2.49 -23.44
CAA Y01 K . -6.85 29.31 13.96
CBA Y01 K . -7.05 28.72 12.58
CAB Y01 K . -6.10 27.54 12.38
CAN Y01 K . -6.88 29.77 11.48
CAJ Y01 K . -5.49 30.39 11.36
CAO Y01 K . -5.41 31.47 10.31
CBB Y01 K . -5.56 31.00 8.86
CAC Y01 K . -6.67 31.76 8.15
CBE Y01 K . -4.20 31.08 8.13
CAP Y01 K . -3.12 30.21 8.81
CAQ Y01 K . -2.18 29.69 7.69
CBG Y01 K . -2.58 30.52 6.47
CBI Y01 K . -4.11 30.68 6.61
CAE Y01 K . -4.87 29.37 6.36
CAU Y01 K . -4.52 31.76 5.60
CAS Y01 K . -4.10 31.38 4.17
CBF Y01 K . -2.60 31.09 4.03
CBD Y01 K . -2.09 30.09 5.09
CAK Y01 K . -0.57 30.03 5.07
CAI Y01 K . -0.01 30.04 3.68
CAZ Y01 K . -0.71 30.26 2.57
CAV Y01 K . -0.06 30.12 1.21
CBH Y01 K . -2.17 30.68 2.58
CAD Y01 K . -3.01 29.50 2.06
CAT Y01 K . -2.34 31.90 1.65
CAR Y01 K . -1.72 31.71 0.26
CBC Y01 K . -0.25 31.35 0.36
OAW Y01 K . 0.23 31.09 -0.99
CAY Y01 K . 1.52 30.82 -1.15
OAG Y01 K . 2.38 31.11 -0.37
CAM Y01 K . 1.78 30.03 -2.41
CAL Y01 K . 2.69 30.70 -3.43
CAX Y01 K . 4.15 30.80 -3.01
OAH Y01 K . 4.43 31.49 -2.02
OAF Y01 K . 4.99 30.17 -3.67
CAA Y01 L . 0.03 24.33 9.93
CBA Y01 L . 1.33 23.56 10.08
CAB Y01 L . 2.22 24.22 11.12
CAN Y01 L . 2.06 23.42 8.74
CAJ Y01 L . 2.64 24.68 8.16
CAO Y01 L . 4.13 24.82 8.41
CBB Y01 L . 4.77 26.15 7.95
CAC Y01 L . 5.66 26.72 9.04
CBE Y01 L . 5.49 25.95 6.60
CAP Y01 L . 4.51 25.53 5.47
CAQ Y01 L . 5.06 26.11 4.15
CBG Y01 L . 6.46 26.57 4.53
CBI Y01 L . 6.30 27.13 5.96
CAE Y01 L . 5.46 28.43 6.00
CAU Y01 L . 7.70 27.37 6.51
CAS Y01 L . 8.54 28.27 5.60
CBF Y01 L . 8.62 27.76 4.15
CBD Y01 L . 7.22 27.46 3.56
CAK Y01 L . 7.34 26.79 2.19
CAI Y01 L . 8.44 27.35 1.35
CAZ Y01 L . 9.49 28.00 1.82
CAV Y01 L . 10.82 27.96 1.11
CBH Y01 L . 9.48 28.65 3.20
CAD Y01 L . 8.91 30.07 3.07
CAT Y01 L . 10.94 28.70 3.71
CAR Y01 L . 11.93 29.43 2.78
CBC Y01 L . 11.59 29.23 1.31
OAW Y01 L . 10.76 30.31 0.79
CAY Y01 L . 11.30 31.53 0.61
OAG Y01 L . 10.93 32.51 1.20
CAM Y01 L . 12.35 31.53 -0.47
CAL Y01 L . 12.01 30.73 -1.71
CAX Y01 L . 10.73 31.17 -2.41
OAH Y01 L . 10.66 32.34 -2.82
OAF Y01 L . 9.82 30.33 -2.55
CAA Y01 M . -5.25 -32.76 -1.19
CBA Y01 M . -4.07 -31.87 -0.87
CAB Y01 M . -4.25 -30.48 -1.46
CAN Y01 M . -2.75 -32.51 -1.33
CAJ Y01 M . -2.59 -32.69 -2.83
CAO Y01 M . -1.30 -33.38 -3.21
CBB Y01 M . -0.02 -32.57 -2.97
CAC Y01 M . 0.96 -33.36 -2.11
CBE Y01 M . 0.59 -32.11 -4.31
CAP Y01 M . -0.40 -31.21 -5.12
CAQ Y01 M . 0.45 -30.20 -5.91
CBG Y01 M . 1.87 -30.73 -5.76
CBI Y01 M . 1.92 -31.29 -4.33
CAE Y01 M . 1.87 -30.18 -3.25
CAU Y01 M . 3.21 -32.10 -4.22
CAS Y01 M . 4.44 -31.25 -4.56
CBF Y01 M . 4.37 -30.56 -5.94
CBD Y01 M . 3.03 -29.81 -6.14
CAK Y01 M . 2.91 -29.37 -7.60
CAI Y01 M . 4.20 -28.86 -8.17
CAZ Y01 M . 5.37 -28.92 -7.56
CAV Y01 M . 6.59 -28.24 -8.18
CBH Y01 M . 5.61 -29.68 -6.26
CAD Y01 M . 5.88 -28.64 -5.15
CAT Y01 M . 6.85 -30.58 -6.43
CAR Y01 M . 8.07 -29.86 -7.01
CBC Y01 M . 7.75 -29.20 -8.34
OAW Y01 M . 8.93 -28.45 -8.76
CAY Y01 M . 8.90 -27.85 -9.95
OAG Y01 M . 8.14 -28.14 -10.82
CAM Y01 M . 9.88 -26.71 -10.03
CAL Y01 M . 10.95 -26.84 -11.10
CAX Y01 M . 10.43 -26.72 -12.52
OAH Y01 M . 9.67 -27.60 -12.95
OAF Y01 M . 10.81 -25.74 -13.20
CAA Y01 N . -3.25 -25.22 -6.50
CBA Y01 N . -3.69 -24.17 -7.52
CAB Y01 N . -4.61 -24.78 -8.55
CAN Y01 N . -2.47 -23.50 -8.18
CAJ Y01 N . -1.67 -24.36 -9.13
CAO Y01 N . -2.00 -24.14 -10.58
CBB Y01 N . -1.30 -25.09 -11.57
CAC Y01 N . -2.32 -25.64 -12.57
CBE Y01 N . -0.12 -24.39 -12.26
CAP Y01 N . 0.97 -23.96 -11.22
CAQ Y01 N . 2.33 -24.04 -11.94
CBG Y01 N . 1.95 -24.20 -13.40
CBI Y01 N . 0.71 -25.11 -13.37
CAE Y01 N . 1.03 -26.55 -12.93
CAU Y01 N . 0.10 -25.11 -14.78
CAS Y01 N . 1.13 -25.50 -15.85
CBF Y01 N . 2.40 -24.64 -15.82
CBD Y01 N . 3.02 -24.60 -14.41
CAK Y01 N . 4.20 -23.62 -14.36
CAI Y01 N . 5.04 -23.65 -15.59
CAZ Y01 N . 4.62 -24.05 -16.78
CAV Y01 N . 5.10 -23.40 -18.05
CBH Y01 N . 3.44 -25.00 -16.92
CAD Y01 N . 3.95 -26.45 -16.78
CAT Y01 N . 2.82 -24.78 -18.33
CAR Y01 N . 3.80 -24.95 -19.49
CBC Y01 N . 5.17 -24.37 -19.20
OAW Y01 N . 6.13 -25.40 -18.80
CAY Y01 N . 6.60 -26.24 -19.74
OAG Y01 N . 6.37 -27.42 -19.74
CAM Y01 N . 7.49 -25.54 -20.74
CAL Y01 N . 8.46 -24.54 -20.14
CAX Y01 N . 9.41 -25.13 -19.11
OAH Y01 N . 10.17 -26.06 -19.46
OAF Y01 N . 9.41 -24.64 -17.96
C1 NAG O . 33.80 2.71 -26.51
C2 NAG O . 35.32 2.51 -26.55
C3 NAG O . 36.05 3.78 -26.41
C4 NAG O . 35.64 4.78 -27.45
C5 NAG O . 34.12 5.00 -27.44
C6 NAG O . 33.76 5.86 -28.60
C7 NAG O . 36.59 0.47 -25.72
C8 NAG O . 37.00 -0.48 -24.58
N2 NAG O . 35.71 1.59 -25.44
O3 NAG O . 37.48 3.52 -26.56
O4 NAG O . 36.28 6.03 -27.18
O5 NAG O . 33.36 3.73 -27.53
O6 NAG O . 34.85 5.94 -29.47
O7 NAG O . 36.99 0.29 -26.82
C1 NAG P . 24.35 5.21 -30.19
C2 NAG P . 25.25 6.13 -31.01
C3 NAG P . 25.01 5.99 -32.48
C4 NAG P . 25.05 4.57 -32.93
C5 NAG P . 24.15 3.66 -32.07
C6 NAG P . 24.31 2.24 -32.52
C7 NAG P . 23.73 8.19 -30.73
C8 NAG P . 23.55 9.63 -30.26
N2 NAG P . 25.04 7.54 -30.58
O3 NAG P . 26.04 6.73 -33.19
O4 NAG P . 24.62 4.50 -34.29
O5 NAG P . 24.48 3.78 -30.64
O6 NAG P . 23.06 1.73 -32.88
O7 NAG P . 22.82 7.59 -31.19
CAA Y01 Q . 3.81 -1.19 13.64
CBA Y01 Q . 3.39 0.10 12.96
CAB Y01 Q . 2.44 0.87 13.86
CAN Y01 Q . 2.75 -0.19 11.60
CAJ Y01 Q . 2.41 1.04 10.75
CAO Y01 Q . 3.63 1.89 10.39
CBB Y01 Q . 4.80 1.15 9.70
CAC Y01 Q . 4.30 0.32 8.52
CBE Y01 Q . 5.91 2.15 9.31
CAP Y01 Q . 6.44 2.94 10.54
CAQ Y01 Q . 7.94 3.16 10.33
CBG Y01 Q . 8.15 2.84 8.85
CBI Y01 Q . 7.21 1.64 8.60
CAE Y01 Q . 7.69 0.35 9.28
CAU Y01 Q . 7.14 1.48 7.07
CAS Y01 Q . 8.54 1.25 6.47
CBF Y01 Q . 9.54 2.36 6.83
CBD Y01 Q . 9.57 2.67 8.34
CAK Y01 Q . 10.39 3.94 8.59
CAI Y01 Q . 11.62 4.03 7.73
CAZ Y01 Q . 11.94 3.18 6.76
CAV Y01 Q . 13.28 3.26 6.07
CBH Y01 Q . 10.98 2.10 6.25
CAD Y01 Q . 11.54 0.73 6.69
CAT Y01 Q . 10.93 2.17 4.71
CAR Y01 Q . 12.32 2.18 4.06
CBC Y01 Q . 13.15 3.33 4.57
OAW Y01 Q . 14.52 3.26 4.04
CAY Y01 Q . 14.72 3.47 2.75
OAG Y01 Q . 13.84 3.64 1.95
CAM Y01 Q . 16.18 3.47 2.41
CAL Y01 Q . 16.51 3.59 0.92
CAX Y01 Q . 17.98 3.71 0.61
OAH Y01 Q . 18.32 3.81 -0.58
OAF Y01 Q . 18.79 3.70 1.57
CAA Y01 R . -6.29 -5.91 0.09
CBA Y01 R . -7.52 -5.49 -0.70
CAB Y01 R . -8.46 -4.68 0.17
CAN Y01 R . -7.12 -4.71 -1.97
CAJ Y01 R . -6.53 -5.55 -3.08
CAO Y01 R . -6.05 -4.72 -4.25
CBB Y01 R . -5.18 -5.47 -5.28
CAC Y01 R . -5.96 -6.64 -5.87
CBE Y01 R . -4.66 -4.49 -6.37
CAP Y01 R . -3.80 -3.34 -5.75
CAQ Y01 R . -2.64 -3.07 -6.72
CBG Y01 R . -3.11 -3.72 -8.01
CBI Y01 R . -3.78 -5.04 -7.54
CAE Y01 R . -2.77 -6.07 -7.00
CAU Y01 R . -4.52 -5.60 -8.76
CAS Y01 R . -3.58 -5.82 -9.95
CBF Y01 R . -2.80 -4.56 -10.36
CBD Y01 R . -2.11 -3.88 -9.16
CAK Y01 R . -1.57 -2.51 -9.58
CAI Y01 R . -0.96 -2.51 -10.95
CAZ Y01 R . -1.01 -3.52 -11.81
CAV Y01 R . -0.26 -3.44 -13.13
CBH Y01 R . -1.83 -4.79 -11.56
CAD Y01 R . -0.84 -5.94 -11.29
CAT Y01 R . -2.65 -5.10 -12.83
CAR Y01 R . -1.85 -5.05 -14.13
CBC Y01 R . -1.19 -3.70 -14.30
OAW Y01 R . -0.41 -3.70 -15.52
CAY Y01 R . -0.05 -2.53 -16.04
OAG Y01 R . -0.03 -1.50 -15.41
CAM Y01 R . 0.29 -2.63 -17.50
CAL Y01 R . 1.55 -3.42 -17.82
CAX Y01 R . 2.83 -2.77 -17.35
OAH Y01 R . 2.76 -1.67 -16.76
OAF Y01 R . 3.91 -3.35 -17.59
CAA Y01 S . -11.61 -9.48 -0.72
CBA Y01 S . -11.91 -8.86 -2.08
CAB Y01 S . -12.32 -7.40 -1.91
CAN Y01 S . -10.71 -8.99 -3.02
CAJ Y01 S . -10.96 -8.56 -4.45
CAO Y01 S . -9.77 -8.82 -5.36
CBB Y01 S . -10.04 -8.70 -6.87
CAC Y01 S . -11.04 -7.58 -7.15
CBE Y01 S . -8.70 -8.53 -7.64
CAP Y01 S . -7.60 -9.50 -7.11
CAQ Y01 S . -6.61 -9.73 -8.28
CBG Y01 S . -7.11 -8.79 -9.37
CBI Y01 S . -8.64 -8.75 -9.19
CAE Y01 S . -9.32 -10.08 -9.57
CAU Y01 S . -9.15 -7.60 -10.07
CAS Y01 S . -8.71 -7.76 -11.53
CBF Y01 S . -7.19 -7.91 -11.71
CBD Y01 S . -6.62 -9.01 -10.79
CAK Y01 S . -5.09 -8.99 -10.84
CAI Y01 S . -4.53 -8.66 -12.19
CAZ Y01 S . -5.25 -8.31 -13.25
CAV Y01 S . -4.58 -8.11 -14.59
CBH Y01 S . -6.75 -8.07 -13.20
CAD Y01 S . -7.45 -9.25 -13.88
CAT Y01 S . -7.08 -6.76 -13.96
CAR Y01 S . -6.39 -6.64 -15.32
CBC Y01 S . -4.90 -6.76 -15.17
OAW Y01 S . -4.20 -6.57 -16.45
CAY Y01 S . -4.35 -7.46 -17.44
OAG Y01 S . -5.25 -8.24 -17.50
CAM Y01 S . -3.23 -7.36 -18.44
CAL Y01 S . -3.67 -6.98 -19.85
CAX Y01 S . -2.52 -6.83 -20.84
OAH Y01 S . -2.37 -5.73 -21.39
OAF Y01 S . -1.80 -7.82 -21.05
CAA Y01 T . 7.46 -2.11 12.97
CBA Y01 T . 8.05 -2.90 11.80
CAB Y01 T . 8.36 -4.32 12.24
CAN Y01 T . 9.27 -2.21 11.21
CAJ Y01 T . 10.48 -2.11 12.11
CAO Y01 T . 11.57 -1.20 11.58
CBB Y01 T . 12.76 -1.90 10.88
CAC Y01 T . 12.25 -2.94 9.90
CBE Y01 T . 13.71 -0.87 10.21
CAP Y01 T . 13.83 0.46 11.00
CAQ Y01 T . 15.16 1.11 10.56
CBG Y01 T . 15.74 0.14 9.53
CBI Y01 T . 15.20 -1.24 9.93
CAE Y01 T . 15.87 -1.79 11.22
CAU Y01 T . 15.47 -2.17 8.75
CAS Y01 T . 16.96 -2.22 8.40
CBF Y01 T . 17.58 -0.83 8.13
CBD Y01 T . 17.23 0.19 9.23
CAK Y01 T . 17.65 1.59 8.79
CAI Y01 T . 18.96 1.62 8.08
CAZ Y01 T . 19.66 0.54 7.70
CAV Y01 T . 21.05 0.69 7.11
CBH Y01 T . 19.12 -0.87 7.84
CAD Y01 T . 19.90 -1.58 8.97
CAT Y01 T . 19.36 -1.62 6.50
CAR Y01 T . 20.77 -1.48 5.95
CBC Y01 T . 21.15 -0.03 5.78
OAW Y01 T . 22.53 0.10 5.32
CAY Y01 T . 22.84 -0.38 4.12
OAG Y01 T . 23.39 -1.43 3.94
CAM Y01 T . 22.46 0.57 3.01
CAL Y01 T . 23.17 1.91 3.05
CAX Y01 T . 22.85 2.82 1.87
OAH Y01 T . 21.66 3.16 1.68
OAF Y01 T . 23.79 3.17 1.13
#